data_7BWI
#
_entry.id   7BWI
#
_entity_poly.entity_id   1
_entity_poly.type   'polypeptide(L)'
_entity_poly.pdbx_seq_one_letter_code
;GTTCYCGKTIGIYWFGTKTCPSNRGYTGSCGYFLGICCYPVD
;
_entity_poly.pdbx_strand_id   A
#
# COMPACT_ATOMS: atom_id res chain seq x y z
N GLY A 1 0.83 -8.09 9.40
CA GLY A 1 0.26 -7.28 8.31
C GLY A 1 -0.67 -6.20 8.85
N THR A 2 -0.66 -5.02 8.22
CA THR A 2 -1.43 -3.83 8.65
C THR A 2 -2.13 -3.19 7.45
N THR A 3 -3.41 -2.85 7.56
CA THR A 3 -4.23 -2.27 6.49
C THR A 3 -3.93 -0.81 6.20
N CYS A 4 -4.29 -0.40 4.98
CA CYS A 4 -4.33 1.00 4.53
C CYS A 4 -5.58 1.31 3.71
N TYR A 5 -5.93 2.58 3.54
CA TYR A 5 -7.10 3.01 2.75
C TYR A 5 -6.79 4.24 1.87
N CYS A 6 -7.17 4.20 0.59
CA CYS A 6 -7.10 5.37 -0.30
C CYS A 6 -8.21 5.36 -1.36
N GLY A 7 -8.93 6.48 -1.53
CA GLY A 7 -10.02 6.60 -2.52
C GLY A 7 -11.12 5.54 -2.36
N LYS A 8 -11.41 5.14 -1.11
CA LYS A 8 -12.27 4.00 -0.71
C LYS A 8 -11.80 2.63 -1.27
N THR A 9 -10.53 2.54 -1.67
CA THR A 9 -9.81 1.32 -2.04
C THR A 9 -8.86 0.97 -0.89
N ILE A 10 -9.15 -0.12 -0.19
CA ILE A 10 -8.34 -0.67 0.88
C ILE A 10 -7.09 -1.38 0.31
N GLY A 11 -5.98 -1.33 1.03
CA GLY A 11 -4.72 -1.97 0.68
C GLY A 11 -3.96 -2.50 1.89
N ILE A 12 -2.73 -2.91 1.63
CA ILE A 12 -1.70 -3.26 2.60
C ILE A 12 -0.78 -2.05 2.83
N TYR A 13 -0.35 -1.86 4.07
CA TYR A 13 0.60 -0.82 4.44
C TYR A 13 2.04 -1.35 4.41
N TRP A 14 2.93 -0.62 3.72
CA TRP A 14 4.37 -0.85 3.70
C TRP A 14 5.13 0.22 4.49
N PHE A 15 5.84 -0.21 5.53
CA PHE A 15 6.65 0.63 6.42
C PHE A 15 8.06 0.84 5.86
N GLY A 16 8.61 2.05 6.01
CA GLY A 16 10.02 2.33 5.73
C GLY A 16 10.40 2.32 4.24
N THR A 17 9.42 2.40 3.34
CA THR A 17 9.58 2.53 1.89
C THR A 17 8.64 3.63 1.37
N LYS A 18 8.79 3.97 0.09
CA LYS A 18 8.02 5.01 -0.63
C LYS A 18 7.51 4.56 -2.02
N THR A 19 7.90 3.36 -2.43
CA THR A 19 7.39 2.65 -3.62
C THR A 19 6.86 1.25 -3.25
N CYS A 20 6.02 0.66 -4.10
CA CYS A 20 5.47 -0.68 -3.88
C CYS A 20 6.31 -1.77 -4.58
N PRO A 21 6.58 -2.91 -3.90
CA PRO A 21 7.30 -4.04 -4.49
C PRO A 21 6.52 -4.67 -5.66
N SER A 22 7.18 -4.74 -6.82
CA SER A 22 6.55 -5.07 -8.12
C SER A 22 6.05 -6.50 -8.25
N ASN A 23 6.70 -7.47 -7.59
CA ASN A 23 6.39 -8.91 -7.69
C ASN A 23 5.16 -9.33 -6.84
N ARG A 24 4.62 -8.42 -6.02
CA ARG A 24 3.53 -8.68 -5.07
C ARG A 24 2.11 -8.52 -5.64
N GLY A 25 1.98 -8.05 -6.89
CA GLY A 25 0.73 -8.01 -7.64
C GLY A 25 -0.14 -6.78 -7.38
N TYR A 26 0.42 -5.69 -6.84
CA TYR A 26 -0.30 -4.45 -6.58
C TYR A 26 -0.71 -3.74 -7.88
N THR A 27 -1.95 -3.25 -7.93
CA THR A 27 -2.55 -2.55 -9.08
C THR A 27 -2.51 -1.02 -8.95
N GLY A 28 -2.23 -0.52 -7.74
CA GLY A 28 -2.08 0.91 -7.45
C GLY A 28 -1.60 1.18 -6.02
N SER A 29 -1.32 2.45 -5.74
CA SER A 29 -0.70 2.89 -4.48
C SER A 29 -0.99 4.34 -4.12
N CYS A 30 -0.72 4.73 -2.87
CA CYS A 30 -0.69 6.12 -2.41
C CYS A 30 0.29 6.31 -1.24
N GLY A 31 0.96 7.45 -1.16
CA GLY A 31 1.82 7.78 -0.02
C GLY A 31 1.01 7.86 1.28
N TYR A 32 1.53 7.28 2.36
CA TYR A 32 0.80 7.07 3.61
C TYR A 32 1.58 7.55 4.83
N PHE A 33 0.95 7.61 6.01
CA PHE A 33 1.62 8.00 7.24
C PHE A 33 2.83 7.10 7.53
N LEU A 34 4.01 7.72 7.67
CA LEU A 34 5.33 7.08 7.88
C LEU A 34 5.82 6.13 6.75
N GLY A 35 5.07 5.95 5.67
CA GLY A 35 5.39 5.00 4.60
C GLY A 35 4.51 5.11 3.35
N ILE A 36 3.96 3.99 2.88
CA ILE A 36 3.14 3.90 1.67
C ILE A 36 2.06 2.82 1.79
N CYS A 37 0.91 3.07 1.16
CA CYS A 37 -0.20 2.16 0.99
C CYS A 37 -0.15 1.54 -0.42
N CYS A 38 -0.23 0.22 -0.51
CA CYS A 38 -0.21 -0.55 -1.77
C CYS A 38 -1.45 -1.45 -1.83
N TYR A 39 -2.18 -1.48 -2.95
CA TYR A 39 -3.49 -2.13 -3.05
C TYR A 39 -3.62 -3.02 -4.31
N PRO A 40 -4.43 -4.10 -4.28
CA PRO A 40 -5.30 -4.55 -3.17
C PRO A 40 -4.54 -5.13 -1.96
N VAL A 41 -5.24 -5.23 -0.82
CA VAL A 41 -4.75 -5.84 0.44
C VAL A 41 -4.40 -7.32 0.24
N ASP A 42 -3.30 -7.77 0.86
CA ASP A 42 -2.81 -9.17 0.77
C ASP A 42 -3.74 -10.21 1.44
N GLY A 1 -0.46 -8.30 11.49
CA GLY A 1 -1.18 -7.82 10.30
C GLY A 1 -1.36 -6.31 10.32
N THR A 2 -1.51 -5.69 9.14
CA THR A 2 -1.74 -4.24 8.96
C THR A 2 -2.56 -3.95 7.69
N THR A 3 -3.06 -2.72 7.55
CA THR A 3 -4.01 -2.30 6.50
C THR A 3 -3.88 -0.80 6.17
N CYS A 4 -4.33 -0.40 4.98
CA CYS A 4 -4.37 0.99 4.54
C CYS A 4 -5.63 1.29 3.70
N TYR A 5 -6.01 2.55 3.53
CA TYR A 5 -7.19 2.96 2.74
C TYR A 5 -6.91 4.17 1.84
N CYS A 6 -7.29 4.10 0.57
CA CYS A 6 -7.19 5.22 -0.38
C CYS A 6 -8.26 5.16 -1.49
N GLY A 7 -8.96 6.27 -1.76
CA GLY A 7 -9.90 6.37 -2.89
C GLY A 7 -11.01 5.32 -2.89
N LYS A 8 -11.58 5.02 -1.70
CA LYS A 8 -12.54 3.92 -1.45
C LYS A 8 -12.01 2.51 -1.78
N THR A 9 -10.68 2.36 -1.78
CA THR A 9 -9.93 1.12 -2.03
C THR A 9 -9.01 0.83 -0.83
N ILE A 10 -9.21 -0.32 -0.20
CA ILE A 10 -8.36 -0.82 0.89
C ILE A 10 -7.10 -1.51 0.32
N GLY A 11 -5.98 -1.35 1.02
CA GLY A 11 -4.69 -1.95 0.69
C GLY A 11 -3.94 -2.47 1.90
N ILE A 12 -2.70 -2.86 1.65
CA ILE A 12 -1.69 -3.21 2.64
C ILE A 12 -0.77 -2.01 2.89
N TYR A 13 -0.34 -1.82 4.13
CA TYR A 13 0.61 -0.78 4.51
C TYR A 13 2.05 -1.31 4.49
N TRP A 14 2.95 -0.56 3.84
CA TRP A 14 4.40 -0.77 3.81
C TRP A 14 5.15 0.40 4.46
N PHE A 15 6.10 0.11 5.35
CA PHE A 15 6.88 1.11 6.11
C PHE A 15 8.26 1.36 5.48
N GLY A 16 8.70 2.63 5.45
CA GLY A 16 10.06 3.08 5.10
C GLY A 16 10.50 2.92 3.64
N THR A 17 9.86 2.03 2.87
CA THR A 17 10.25 1.63 1.50
C THR A 17 9.95 2.69 0.42
N LYS A 18 8.99 3.59 0.67
CA LYS A 18 8.52 4.70 -0.20
C LYS A 18 7.91 4.32 -1.56
N THR A 19 8.17 3.11 -2.07
CA THR A 19 7.57 2.52 -3.29
C THR A 19 6.94 1.15 -3.02
N CYS A 20 6.07 0.68 -3.90
CA CYS A 20 5.45 -0.65 -3.78
C CYS A 20 6.28 -1.74 -4.51
N PRO A 21 6.49 -2.92 -3.89
CA PRO A 21 7.21 -4.04 -4.51
C PRO A 21 6.39 -4.63 -5.68
N SER A 22 6.97 -4.62 -6.88
CA SER A 22 6.26 -4.93 -8.14
C SER A 22 5.78 -6.38 -8.25
N ASN A 23 6.56 -7.34 -7.73
CA ASN A 23 6.27 -8.78 -7.82
C ASN A 23 5.10 -9.25 -6.93
N ARG A 24 4.55 -8.36 -6.08
CA ARG A 24 3.47 -8.64 -5.12
C ARG A 24 2.05 -8.49 -5.68
N GLY A 25 1.92 -7.99 -6.91
CA GLY A 25 0.65 -7.96 -7.67
C GLY A 25 -0.24 -6.74 -7.39
N TYR A 26 0.32 -5.65 -6.85
CA TYR A 26 -0.42 -4.42 -6.57
C TYR A 26 -0.84 -3.69 -7.87
N THR A 27 -2.07 -3.18 -7.91
CA THR A 27 -2.66 -2.47 -9.05
C THR A 27 -2.60 -0.94 -8.89
N GLY A 28 -2.31 -0.45 -7.68
CA GLY A 28 -2.10 0.98 -7.39
C GLY A 28 -1.57 1.23 -5.98
N SER A 29 -1.28 2.50 -5.68
CA SER A 29 -0.64 2.93 -4.44
C SER A 29 -0.93 4.38 -4.05
N CYS A 30 -0.67 4.73 -2.79
CA CYS A 30 -0.67 6.12 -2.32
C CYS A 30 0.26 6.32 -1.12
N GLY A 31 0.91 7.48 -1.00
CA GLY A 31 1.74 7.82 0.16
C GLY A 31 0.92 7.86 1.46
N TYR A 32 1.45 7.27 2.53
CA TYR A 32 0.75 7.08 3.82
C TYR A 32 1.56 7.65 4.99
N PHE A 33 0.97 7.69 6.19
CA PHE A 33 1.70 8.16 7.39
C PHE A 33 2.91 7.26 7.68
N LEU A 34 4.10 7.87 7.74
CA LEU A 34 5.42 7.24 7.92
C LEU A 34 5.84 6.23 6.83
N GLY A 35 5.03 6.02 5.79
CA GLY A 35 5.28 5.01 4.74
C GLY A 35 4.39 5.14 3.50
N ILE A 36 3.89 4.02 3.00
CA ILE A 36 3.11 3.92 1.76
C ILE A 36 2.04 2.83 1.86
N CYS A 37 0.90 3.08 1.23
CA CYS A 37 -0.21 2.16 1.04
C CYS A 37 -0.13 1.55 -0.37
N CYS A 38 -0.20 0.22 -0.47
CA CYS A 38 -0.17 -0.53 -1.73
C CYS A 38 -1.42 -1.42 -1.79
N TYR A 39 -2.16 -1.40 -2.90
CA TYR A 39 -3.49 -2.03 -3.01
C TYR A 39 -3.64 -2.91 -4.27
N PRO A 40 -4.48 -3.96 -4.24
CA PRO A 40 -5.33 -4.42 -3.13
C PRO A 40 -4.57 -5.04 -1.94
N VAL A 41 -5.23 -5.14 -0.79
CA VAL A 41 -4.74 -5.77 0.45
C VAL A 41 -4.39 -7.25 0.25
N ASP A 42 -3.30 -7.72 0.88
CA ASP A 42 -2.83 -9.11 0.78
C ASP A 42 -3.76 -10.16 1.41
N GLY A 1 -2.56 -7.98 11.93
CA GLY A 1 -1.74 -7.51 10.79
C GLY A 1 -1.77 -6.00 10.66
N THR A 2 -1.79 -5.49 9.42
CA THR A 2 -1.88 -4.05 9.10
C THR A 2 -2.65 -3.80 7.80
N THR A 3 -3.16 -2.59 7.60
CA THR A 3 -4.07 -2.19 6.52
C THR A 3 -3.92 -0.70 6.18
N CYS A 4 -4.32 -0.32 4.97
CA CYS A 4 -4.36 1.07 4.50
C CYS A 4 -5.60 1.36 3.65
N TYR A 5 -5.95 2.63 3.43
CA TYR A 5 -7.10 3.04 2.62
C TYR A 5 -6.79 4.25 1.74
N CYS A 6 -7.20 4.22 0.47
CA CYS A 6 -7.17 5.39 -0.43
C CYS A 6 -8.32 5.38 -1.44
N GLY A 7 -9.09 6.47 -1.56
CA GLY A 7 -10.21 6.58 -2.51
C GLY A 7 -11.30 5.51 -2.35
N LYS A 8 -11.53 5.04 -1.11
CA LYS A 8 -12.36 3.86 -0.73
C LYS A 8 -11.86 2.53 -1.31
N THR A 9 -10.59 2.48 -1.74
CA THR A 9 -9.84 1.27 -2.12
C THR A 9 -8.88 0.95 -0.98
N ILE A 10 -9.17 -0.13 -0.26
CA ILE A 10 -8.34 -0.66 0.82
C ILE A 10 -7.09 -1.35 0.25
N GLY A 11 -5.97 -1.28 0.98
CA GLY A 11 -4.70 -1.91 0.65
C GLY A 11 -3.97 -2.44 1.87
N ILE A 12 -2.73 -2.84 1.63
CA ILE A 12 -1.72 -3.19 2.61
C ILE A 12 -0.80 -2.00 2.86
N TYR A 13 -0.37 -1.82 4.11
CA TYR A 13 0.58 -0.77 4.49
C TYR A 13 2.03 -1.30 4.47
N TRP A 14 2.92 -0.56 3.80
CA TRP A 14 4.37 -0.77 3.78
C TRP A 14 5.12 0.37 4.49
N PHE A 15 5.95 0.03 5.46
CA PHE A 15 6.81 0.95 6.21
C PHE A 15 8.25 0.95 5.67
N GLY A 16 8.92 2.11 5.71
CA GLY A 16 10.35 2.24 5.39
C GLY A 16 10.67 2.15 3.89
N THR A 17 9.67 2.38 3.04
CA THR A 17 9.77 2.43 1.58
C THR A 17 8.89 3.57 1.04
N LYS A 18 9.13 3.95 -0.23
CA LYS A 18 8.38 4.95 -1.00
C LYS A 18 7.76 4.41 -2.30
N THR A 19 8.02 3.14 -2.60
CA THR A 19 7.47 2.38 -3.73
C THR A 19 6.88 1.03 -3.28
N CYS A 20 6.02 0.44 -4.09
CA CYS A 20 5.42 -0.88 -3.84
C CYS A 20 6.22 -2.00 -4.53
N PRO A 21 6.47 -3.14 -3.85
CA PRO A 21 7.19 -4.28 -4.42
C PRO A 21 6.41 -4.90 -5.58
N SER A 22 6.90 -4.71 -6.81
CA SER A 22 6.20 -5.02 -8.08
C SER A 22 5.84 -6.51 -8.23
N ASN A 23 6.68 -7.40 -7.70
CA ASN A 23 6.48 -8.86 -7.76
C ASN A 23 5.27 -9.36 -6.94
N ARG A 24 4.67 -8.51 -6.10
CA ARG A 24 3.53 -8.86 -5.22
C ARG A 24 2.15 -8.66 -5.86
N GLY A 25 2.10 -8.06 -7.06
CA GLY A 25 0.89 -7.98 -7.89
C GLY A 25 -0.04 -6.80 -7.57
N TYR A 26 0.49 -5.73 -6.98
CA TYR A 26 -0.28 -4.51 -6.67
C TYR A 26 -0.70 -3.77 -7.95
N THR A 27 -1.93 -3.21 -7.95
CA THR A 27 -2.53 -2.48 -9.09
C THR A 27 -2.49 -0.96 -8.91
N GLY A 28 -2.19 -0.47 -7.71
CA GLY A 28 -2.00 0.96 -7.42
C GLY A 28 -1.48 1.23 -6.00
N SER A 29 -1.19 2.50 -5.72
CA SER A 29 -0.55 2.94 -4.48
C SER A 29 -0.82 4.39 -4.11
N CYS A 30 -0.61 4.75 -2.83
CA CYS A 30 -0.63 6.14 -2.36
C CYS A 30 0.28 6.32 -1.13
N GLY A 31 0.90 7.51 -0.98
CA GLY A 31 1.71 7.83 0.20
C GLY A 31 0.85 7.84 1.48
N TYR A 32 1.36 7.23 2.56
CA TYR A 32 0.62 7.01 3.81
C TYR A 32 1.39 7.53 5.04
N PHE A 33 0.77 7.50 6.22
CA PHE A 33 1.44 7.92 7.46
C PHE A 33 2.70 7.08 7.72
N LEU A 34 3.85 7.74 7.85
CA LEU A 34 5.20 7.17 8.02
C LEU A 34 5.71 6.24 6.91
N GLY A 35 4.93 6.00 5.85
CA GLY A 35 5.27 5.06 4.78
C GLY A 35 4.37 5.18 3.53
N ILE A 36 3.91 4.04 3.02
CA ILE A 36 3.12 3.94 1.78
C ILE A 36 2.04 2.85 1.87
N CYS A 37 0.91 3.09 1.21
CA CYS A 37 -0.19 2.18 1.01
C CYS A 37 -0.10 1.56 -0.39
N CYS A 38 -0.21 0.24 -0.50
CA CYS A 38 -0.17 -0.52 -1.74
C CYS A 38 -1.42 -1.41 -1.81
N TYR A 39 -2.14 -1.41 -2.94
CA TYR A 39 -3.46 -2.05 -3.07
C TYR A 39 -3.58 -2.94 -4.33
N PRO A 40 -4.41 -3.99 -4.31
CA PRO A 40 -5.29 -4.45 -3.21
C PRO A 40 -4.55 -5.05 -2.00
N VAL A 41 -5.24 -5.13 -0.86
CA VAL A 41 -4.76 -5.74 0.40
C VAL A 41 -4.39 -7.22 0.21
N ASP A 42 -3.32 -7.66 0.85
CA ASP A 42 -2.70 -8.99 0.70
C ASP A 42 -2.52 -9.74 2.03
N GLY A 1 -1.55 -8.27 9.92
CA GLY A 1 -0.73 -7.11 9.48
C GLY A 1 -1.44 -5.79 9.70
N THR A 2 -1.05 -4.75 8.96
CA THR A 2 -1.62 -3.39 9.03
C THR A 2 -2.27 -3.00 7.71
N THR A 3 -3.56 -2.65 7.73
CA THR A 3 -4.33 -2.20 6.58
C THR A 3 -4.08 -0.71 6.24
N CYS A 4 -4.38 -0.35 5.00
CA CYS A 4 -4.39 1.02 4.51
C CYS A 4 -5.63 1.33 3.67
N TYR A 5 -5.98 2.61 3.47
CA TYR A 5 -7.14 3.03 2.68
C TYR A 5 -6.83 4.23 1.78
N CYS A 6 -7.21 4.16 0.49
CA CYS A 6 -7.13 5.32 -0.43
C CYS A 6 -8.23 5.28 -1.50
N GLY A 7 -8.95 6.39 -1.72
CA GLY A 7 -9.96 6.52 -2.79
C GLY A 7 -11.10 5.48 -2.72
N LYS A 8 -11.51 5.09 -1.51
CA LYS A 8 -12.41 3.96 -1.19
C LYS A 8 -11.89 2.58 -1.63
N THR A 9 -10.58 2.46 -1.81
CA THR A 9 -9.83 1.22 -2.11
C THR A 9 -8.91 0.91 -0.94
N ILE A 10 -9.20 -0.17 -0.22
CA ILE A 10 -8.39 -0.70 0.88
C ILE A 10 -7.14 -1.44 0.34
N GLY A 11 -6.05 -1.40 1.08
CA GLY A 11 -4.79 -2.05 0.76
C GLY A 11 -4.02 -2.53 1.98
N ILE A 12 -2.77 -2.91 1.73
CA ILE A 12 -1.75 -3.26 2.72
C ILE A 12 -0.82 -2.06 2.96
N TYR A 13 -0.39 -1.88 4.20
CA TYR A 13 0.59 -0.84 4.57
C TYR A 13 2.02 -1.37 4.54
N TRP A 14 2.91 -0.66 3.84
CA TRP A 14 4.36 -0.92 3.80
C TRP A 14 5.13 0.22 4.48
N PHE A 15 5.90 -0.12 5.52
CA PHE A 15 6.76 0.81 6.26
C PHE A 15 8.22 0.71 5.79
N GLY A 16 8.95 1.83 5.83
CA GLY A 16 10.40 1.89 5.54
C GLY A 16 10.73 1.78 4.04
N THR A 17 9.76 2.05 3.17
CA THR A 17 9.91 2.12 1.71
C THR A 17 9.14 3.31 1.15
N LYS A 18 9.48 3.68 -0.09
CA LYS A 18 8.90 4.81 -0.87
C LYS A 18 7.98 4.37 -2.01
N THR A 19 8.16 3.14 -2.46
CA THR A 19 7.41 2.50 -3.56
C THR A 19 6.87 1.12 -3.17
N CYS A 20 5.91 0.60 -3.93
CA CYS A 20 5.37 -0.74 -3.74
C CYS A 20 6.19 -1.82 -4.48
N PRO A 21 6.41 -3.00 -3.87
CA PRO A 21 7.13 -4.10 -4.51
C PRO A 21 6.33 -4.63 -5.72
N SER A 22 6.87 -4.44 -6.94
CA SER A 22 6.14 -4.67 -8.20
C SER A 22 5.69 -6.13 -8.38
N ASN A 23 6.53 -7.07 -7.94
CA ASN A 23 6.29 -8.52 -8.08
C ASN A 23 5.24 -9.08 -7.09
N ARG A 24 4.73 -8.23 -6.18
CA ARG A 24 3.68 -8.57 -5.20
C ARG A 24 2.25 -8.54 -5.80
N GLY A 25 2.09 -8.03 -7.02
CA GLY A 25 0.83 -8.06 -7.78
C GLY A 25 -0.14 -6.90 -7.51
N TYR A 26 0.35 -5.77 -7.00
CA TYR A 26 -0.47 -4.58 -6.72
C TYR A 26 -0.96 -3.89 -8.01
N THR A 27 -2.14 -3.25 -7.93
CA THR A 27 -2.77 -2.50 -9.03
C THR A 27 -2.67 -0.97 -8.86
N GLY A 28 -2.34 -0.50 -7.65
CA GLY A 28 -2.12 0.92 -7.34
C GLY A 28 -1.59 1.16 -5.93
N SER A 29 -1.28 2.42 -5.64
CA SER A 29 -0.62 2.86 -4.41
C SER A 29 -0.89 4.32 -4.04
N CYS A 30 -0.61 4.69 -2.79
CA CYS A 30 -0.60 6.08 -2.32
C CYS A 30 0.35 6.26 -1.12
N GLY A 31 1.02 7.42 -1.02
CA GLY A 31 1.84 7.74 0.15
C GLY A 31 0.96 7.87 1.41
N TYR A 32 1.38 7.24 2.51
CA TYR A 32 0.57 7.09 3.72
C TYR A 32 1.22 7.80 4.92
N PHE A 33 0.68 7.64 6.13
CA PHE A 33 1.35 8.09 7.35
C PHE A 33 2.67 7.33 7.52
N LEU A 34 3.78 8.07 7.56
CA LEU A 34 5.18 7.63 7.59
C LEU A 34 5.63 6.80 6.36
N GLY A 35 5.00 5.65 6.11
CA GLY A 35 5.26 4.75 4.98
C GLY A 35 4.35 4.98 3.76
N ILE A 36 3.98 3.89 3.09
CA ILE A 36 3.18 3.85 1.85
C ILE A 36 2.08 2.78 1.93
N CYS A 37 0.95 3.05 1.28
CA CYS A 37 -0.17 2.14 1.09
C CYS A 37 -0.12 1.52 -0.32
N CYS A 38 -0.27 0.20 -0.41
CA CYS A 38 -0.25 -0.58 -1.66
C CYS A 38 -1.51 -1.46 -1.73
N TYR A 39 -2.21 -1.46 -2.86
CA TYR A 39 -3.54 -2.12 -2.99
C TYR A 39 -3.69 -2.96 -4.26
N PRO A 40 -4.53 -4.02 -4.25
CA PRO A 40 -5.37 -4.51 -3.14
C PRO A 40 -4.58 -5.15 -1.98
N VAL A 41 -5.24 -5.32 -0.83
CA VAL A 41 -4.70 -5.92 0.41
C VAL A 41 -4.20 -7.36 0.17
N ASP A 42 -3.10 -7.73 0.83
CA ASP A 42 -2.35 -8.99 0.63
C ASP A 42 -2.23 -9.84 1.91
N GLY A 1 -1.93 -8.84 7.65
CA GLY A 1 -0.98 -7.72 7.86
C GLY A 1 -1.68 -6.39 8.05
N THR A 2 -0.93 -5.33 8.36
CA THR A 2 -1.46 -3.98 8.65
C THR A 2 -2.11 -3.36 7.41
N THR A 3 -3.41 -3.02 7.51
CA THR A 3 -4.20 -2.44 6.43
C THR A 3 -3.94 -0.96 6.17
N CYS A 4 -4.31 -0.52 4.97
CA CYS A 4 -4.35 0.87 4.57
C CYS A 4 -5.62 1.20 3.76
N TYR A 5 -5.98 2.48 3.63
CA TYR A 5 -7.17 2.93 2.87
C TYR A 5 -6.86 4.18 2.04
N CYS A 6 -7.26 4.18 0.77
CA CYS A 6 -7.15 5.36 -0.12
C CYS A 6 -8.20 5.36 -1.22
N GLY A 7 -8.89 6.50 -1.44
CA GLY A 7 -9.82 6.68 -2.56
C GLY A 7 -10.92 5.61 -2.67
N LYS A 8 -11.53 5.24 -1.52
CA LYS A 8 -12.50 4.13 -1.37
C LYS A 8 -11.93 2.74 -1.73
N THR A 9 -10.60 2.58 -1.69
CA THR A 9 -9.84 1.36 -2.00
C THR A 9 -8.93 1.01 -0.83
N ILE A 10 -9.22 -0.10 -0.17
CA ILE A 10 -8.38 -0.70 0.88
C ILE A 10 -7.13 -1.37 0.28
N GLY A 11 -6.02 -1.38 1.02
CA GLY A 11 -4.77 -2.02 0.65
C GLY A 11 -3.99 -2.55 1.84
N ILE A 12 -2.74 -2.91 1.57
CA ILE A 12 -1.70 -3.27 2.53
C ILE A 12 -0.79 -2.06 2.82
N TYR A 13 -0.34 -1.91 4.05
CA TYR A 13 0.61 -0.87 4.44
C TYR A 13 2.06 -1.38 4.39
N TRP A 14 2.95 -0.60 3.75
CA TRP A 14 4.40 -0.79 3.72
C TRP A 14 5.13 0.34 4.45
N PHE A 15 5.97 -0.02 5.41
CA PHE A 15 6.80 0.92 6.20
C PHE A 15 8.24 0.98 5.65
N GLY A 16 8.86 2.16 5.72
CA GLY A 16 10.28 2.35 5.40
C GLY A 16 10.61 2.26 3.90
N THR A 17 9.61 2.46 3.04
CA THR A 17 9.73 2.53 1.57
C THR A 17 8.83 3.65 1.03
N LYS A 18 9.06 4.01 -0.24
CA LYS A 18 8.32 5.05 -1.00
C LYS A 18 7.64 4.52 -2.27
N THR A 19 7.92 3.26 -2.62
CA THR A 19 7.33 2.54 -3.77
C THR A 19 6.69 1.21 -3.34
N CYS A 20 5.85 0.62 -4.19
CA CYS A 20 5.24 -0.68 -3.96
C CYS A 20 5.99 -1.81 -4.68
N PRO A 21 6.31 -2.94 -4.00
CA PRO A 21 7.04 -4.04 -4.61
C PRO A 21 6.17 -4.82 -5.60
N SER A 22 6.61 -4.81 -6.86
CA SER A 22 5.92 -5.41 -8.01
C SER A 22 5.63 -6.91 -7.84
N ASN A 23 6.46 -7.61 -7.07
CA ASN A 23 6.38 -9.06 -6.84
C ASN A 23 5.20 -9.50 -5.94
N ARG A 24 4.46 -8.54 -5.35
CA ARG A 24 3.18 -8.78 -4.64
C ARG A 24 1.94 -8.54 -5.52
N GLY A 25 2.12 -8.04 -6.75
CA GLY A 25 1.04 -7.94 -7.75
C GLY A 25 0.12 -6.73 -7.58
N TYR A 26 0.62 -5.64 -6.99
CA TYR A 26 -0.16 -4.41 -6.76
C TYR A 26 -0.52 -3.69 -8.07
N THR A 27 -1.69 -3.03 -8.08
CA THR A 27 -2.23 -2.29 -9.25
C THR A 27 -2.33 -0.78 -9.01
N GLY A 28 -2.14 -0.33 -7.77
CA GLY A 28 -2.13 1.10 -7.40
C GLY A 28 -1.62 1.33 -5.98
N SER A 29 -1.38 2.60 -5.65
CA SER A 29 -0.76 3.01 -4.39
C SER A 29 -1.06 4.47 -3.97
N CYS A 30 -0.79 4.80 -2.71
CA CYS A 30 -0.77 6.18 -2.21
C CYS A 30 0.19 6.35 -1.04
N GLY A 31 0.83 7.53 -0.90
CA GLY A 31 1.67 7.83 0.26
C GLY A 31 0.85 7.85 1.56
N TYR A 32 1.38 7.22 2.61
CA TYR A 32 0.69 6.98 3.88
C TYR A 32 1.51 7.50 5.08
N PHE A 33 0.94 7.49 6.30
CA PHE A 33 1.67 7.97 7.48
C PHE A 33 2.93 7.13 7.72
N LEU A 34 4.10 7.79 7.74
CA LEU A 34 5.45 7.21 7.88
C LEU A 34 5.87 6.19 6.80
N GLY A 35 5.05 5.96 5.78
CA GLY A 35 5.29 4.97 4.72
C GLY A 35 4.38 5.11 3.50
N ILE A 36 3.89 3.99 2.99
CA ILE A 36 3.07 3.91 1.76
C ILE A 36 2.00 2.81 1.85
N CYS A 37 0.86 3.08 1.23
CA CYS A 37 -0.26 2.15 1.04
C CYS A 37 -0.20 1.56 -0.38
N CYS A 38 -0.30 0.24 -0.50
CA CYS A 38 -0.25 -0.51 -1.75
C CYS A 38 -1.48 -1.42 -1.87
N TYR A 39 -2.16 -1.43 -3.01
CA TYR A 39 -3.45 -2.13 -3.18
C TYR A 39 -3.54 -2.96 -4.48
N PRO A 40 -4.32 -4.06 -4.50
CA PRO A 40 -5.18 -4.58 -3.43
C PRO A 40 -4.43 -5.17 -2.22
N VAL A 41 -5.12 -5.31 -1.09
CA VAL A 41 -4.64 -5.91 0.17
C VAL A 41 -4.20 -7.37 -0.04
N ASP A 42 -3.12 -7.79 0.65
CA ASP A 42 -2.56 -9.16 0.61
C ASP A 42 -2.77 -9.93 1.94
N GLY A 1 -2.08 -7.61 12.62
CA GLY A 1 -2.72 -7.33 11.32
C GLY A 1 -2.77 -5.83 11.04
N THR A 2 -2.41 -5.42 9.83
CA THR A 2 -2.27 -4.00 9.43
C THR A 2 -2.83 -3.76 8.02
N THR A 3 -3.42 -2.58 7.78
CA THR A 3 -4.17 -2.22 6.56
C THR A 3 -3.96 -0.75 6.19
N CYS A 4 -4.35 -0.38 4.96
CA CYS A 4 -4.39 1.00 4.50
C CYS A 4 -5.65 1.32 3.68
N TYR A 5 -6.02 2.59 3.54
CA TYR A 5 -7.18 3.03 2.76
C TYR A 5 -6.88 4.27 1.89
N CYS A 6 -7.31 4.24 0.63
CA CYS A 6 -7.25 5.37 -0.30
C CYS A 6 -8.39 5.35 -1.33
N GLY A 7 -9.09 6.46 -1.54
CA GLY A 7 -10.12 6.60 -2.59
C GLY A 7 -11.27 5.58 -2.49
N LYS A 8 -11.67 5.21 -1.26
CA LYS A 8 -12.61 4.11 -0.93
C LYS A 8 -12.15 2.71 -1.44
N THR A 9 -10.83 2.55 -1.62
CA THR A 9 -10.12 1.30 -1.91
C THR A 9 -9.19 0.99 -0.74
N ILE A 10 -9.19 -0.25 -0.27
CA ILE A 10 -8.36 -0.75 0.83
C ILE A 10 -7.11 -1.46 0.27
N GLY A 11 -6.00 -1.37 1.00
CA GLY A 11 -4.74 -2.04 0.68
C GLY A 11 -3.98 -2.50 1.91
N ILE A 12 -2.72 -2.85 1.68
CA ILE A 12 -1.71 -3.17 2.68
C ILE A 12 -0.81 -1.95 2.90
N TYR A 13 -0.36 -1.75 4.15
CA TYR A 13 0.60 -0.69 4.50
C TYR A 13 2.04 -1.24 4.47
N TRP A 14 2.94 -0.51 3.80
CA TRP A 14 4.38 -0.75 3.76
C TRP A 14 5.15 0.37 4.47
N PHE A 15 5.98 0.00 5.45
CA PHE A 15 6.80 0.90 6.26
C PHE A 15 8.25 0.96 5.75
N GLY A 16 8.86 2.15 5.80
CA GLY A 16 10.28 2.35 5.48
C GLY A 16 10.62 2.25 3.98
N THR A 17 9.61 2.38 3.13
CA THR A 17 9.72 2.46 1.66
C THR A 17 8.82 3.59 1.14
N LYS A 18 9.02 3.95 -0.12
CA LYS A 18 8.28 4.99 -0.86
C LYS A 18 7.67 4.49 -2.19
N THR A 19 7.94 3.24 -2.54
CA THR A 19 7.36 2.51 -3.67
C THR A 19 6.81 1.14 -3.24
N CYS A 20 5.96 0.53 -4.06
CA CYS A 20 5.39 -0.80 -3.81
C CYS A 20 6.22 -1.91 -4.49
N PRO A 21 6.47 -3.04 -3.81
CA PRO A 21 7.22 -4.17 -4.36
C PRO A 21 6.50 -4.82 -5.56
N SER A 22 7.15 -4.76 -6.73
CA SER A 22 6.58 -5.10 -8.03
C SER A 22 6.15 -6.57 -8.17
N ASN A 23 6.81 -7.48 -7.46
CA ASN A 23 6.53 -8.93 -7.50
C ASN A 23 5.28 -9.34 -6.70
N ARG A 24 4.65 -8.41 -5.95
CA ARG A 24 3.47 -8.69 -5.10
C ARG A 24 2.13 -8.58 -5.85
N GLY A 25 2.14 -8.08 -7.09
CA GLY A 25 0.94 -8.00 -7.96
C GLY A 25 0.00 -6.83 -7.67
N TYR A 26 0.51 -5.71 -7.13
CA TYR A 26 -0.29 -4.52 -6.84
C TYR A 26 -0.78 -3.81 -8.11
N THR A 27 -1.97 -3.19 -8.03
CA THR A 27 -2.61 -2.45 -9.15
C THR A 27 -2.59 -0.92 -8.96
N GLY A 28 -2.26 -0.44 -7.75
CA GLY A 28 -2.14 0.97 -7.43
C GLY A 28 -1.59 1.22 -6.02
N SER A 29 -1.29 2.49 -5.72
CA SER A 29 -0.68 2.92 -4.47
C SER A 29 -0.97 4.37 -4.09
N CYS A 30 -0.73 4.74 -2.83
CA CYS A 30 -0.73 6.12 -2.35
C CYS A 30 0.20 6.32 -1.15
N GLY A 31 0.83 7.49 -1.02
CA GLY A 31 1.69 7.81 0.13
C GLY A 31 0.91 7.80 1.45
N TYR A 32 1.51 7.24 2.51
CA TYR A 32 0.85 7.03 3.80
C TYR A 32 1.72 7.53 4.97
N PHE A 33 1.17 7.63 6.17
CA PHE A 33 1.92 8.05 7.36
C PHE A 33 3.13 7.14 7.59
N LEU A 34 4.33 7.73 7.68
CA LEU A 34 5.64 7.07 7.82
C LEU A 34 6.04 6.08 6.70
N GLY A 35 5.23 5.94 5.65
CA GLY A 35 5.45 4.97 4.57
C GLY A 35 4.55 5.13 3.35
N ILE A 36 3.96 4.01 2.91
CA ILE A 36 3.13 3.93 1.69
C ILE A 36 2.05 2.85 1.80
N CYS A 37 0.90 3.10 1.18
CA CYS A 37 -0.22 2.18 1.02
C CYS A 37 -0.18 1.56 -0.39
N CYS A 38 -0.29 0.24 -0.48
CA CYS A 38 -0.24 -0.53 -1.73
C CYS A 38 -1.49 -1.44 -1.82
N TYR A 39 -2.20 -1.45 -2.94
CA TYR A 39 -3.51 -2.10 -3.07
C TYR A 39 -3.65 -2.95 -4.36
N PRO A 40 -4.47 -4.03 -4.34
CA PRO A 40 -5.30 -4.53 -3.22
C PRO A 40 -4.48 -5.16 -2.07
N VAL A 41 -5.13 -5.32 -0.91
CA VAL A 41 -4.57 -5.92 0.33
C VAL A 41 -4.07 -7.35 0.07
N ASP A 42 -2.92 -7.71 0.68
CA ASP A 42 -2.19 -8.97 0.46
C ASP A 42 -2.90 -10.23 1.00
N GLY A 1 -1.62 -7.26 12.17
CA GLY A 1 -1.01 -6.57 11.02
C GLY A 1 -1.51 -5.14 10.88
N THR A 2 -1.13 -4.46 9.78
CA THR A 2 -1.51 -3.06 9.48
C THR A 2 -2.09 -2.95 8.06
N THR A 3 -3.30 -2.39 7.96
CA THR A 3 -4.06 -2.19 6.72
C THR A 3 -4.04 -0.70 6.32
N CYS A 4 -4.39 -0.40 5.06
CA CYS A 4 -4.41 0.97 4.54
C CYS A 4 -5.65 1.25 3.66
N TYR A 5 -5.99 2.52 3.45
CA TYR A 5 -7.15 2.94 2.65
C TYR A 5 -6.83 4.17 1.79
N CYS A 6 -7.22 4.15 0.51
CA CYS A 6 -7.17 5.34 -0.38
C CYS A 6 -8.28 5.31 -1.45
N GLY A 7 -9.00 6.42 -1.64
CA GLY A 7 -10.03 6.54 -2.69
C GLY A 7 -11.13 5.48 -2.62
N LYS A 8 -11.54 5.09 -1.41
CA LYS A 8 -12.42 3.93 -1.09
C LYS A 8 -11.89 2.56 -1.59
N THR A 9 -10.59 2.46 -1.81
CA THR A 9 -9.83 1.25 -2.15
C THR A 9 -8.89 0.92 -0.99
N ILE A 10 -9.17 -0.17 -0.29
CA ILE A 10 -8.35 -0.71 0.78
C ILE A 10 -7.09 -1.39 0.22
N GLY A 11 -5.99 -1.35 0.97
CA GLY A 11 -4.72 -1.97 0.63
C GLY A 11 -3.96 -2.49 1.84
N ILE A 12 -2.73 -2.93 1.58
CA ILE A 12 -1.73 -3.29 2.57
C ILE A 12 -0.81 -2.09 2.85
N TYR A 13 -0.38 -1.94 4.11
CA TYR A 13 0.57 -0.91 4.50
C TYR A 13 2.03 -1.42 4.44
N TRP A 14 2.91 -0.64 3.79
CA TRP A 14 4.37 -0.83 3.76
C TRP A 14 5.11 0.34 4.41
N PHE A 15 6.14 0.04 5.21
CA PHE A 15 6.98 1.03 5.92
C PHE A 15 8.32 1.28 5.19
N GLY A 16 8.77 2.55 5.16
CA GLY A 16 10.11 2.99 4.73
C GLY A 16 10.48 2.83 3.24
N THR A 17 9.78 1.97 2.48
CA THR A 17 10.12 1.59 1.10
C THR A 17 9.87 2.69 0.05
N LYS A 18 8.97 3.65 0.33
CA LYS A 18 8.52 4.77 -0.54
C LYS A 18 7.83 4.37 -1.87
N THR A 19 8.12 3.21 -2.43
CA THR A 19 7.44 2.59 -3.58
C THR A 19 6.94 1.17 -3.25
N CYS A 20 5.99 0.66 -4.03
CA CYS A 20 5.41 -0.67 -3.84
C CYS A 20 6.19 -1.77 -4.58
N PRO A 21 6.42 -2.94 -3.95
CA PRO A 21 7.15 -4.06 -4.57
C PRO A 21 6.31 -4.76 -5.65
N SER A 22 6.83 -4.75 -6.87
CA SER A 22 6.16 -5.26 -8.08
C SER A 22 5.80 -6.75 -8.01
N ASN A 23 6.61 -7.53 -7.28
CA ASN A 23 6.44 -8.98 -7.13
C ASN A 23 5.25 -9.40 -6.23
N ARG A 24 4.53 -8.44 -5.63
CA ARG A 24 3.26 -8.67 -4.92
C ARG A 24 2.01 -8.46 -5.80
N GLY A 25 2.19 -7.92 -7.01
CA GLY A 25 1.12 -7.80 -8.02
C GLY A 25 0.13 -6.66 -7.76
N TYR A 26 0.59 -5.57 -7.14
CA TYR A 26 -0.24 -4.39 -6.82
C TYR A 26 -0.68 -3.63 -8.08
N THR A 27 -1.89 -3.07 -8.05
CA THR A 27 -2.50 -2.32 -9.17
C THR A 27 -2.46 -0.79 -8.97
N GLY A 28 -2.18 -0.34 -7.75
CA GLY A 28 -2.01 1.09 -7.42
C GLY A 28 -1.52 1.31 -5.98
N SER A 29 -1.26 2.58 -5.65
CA SER A 29 -0.64 2.99 -4.39
C SER A 29 -0.94 4.44 -3.98
N CYS A 30 -0.67 4.78 -2.72
CA CYS A 30 -0.68 6.16 -2.22
C CYS A 30 0.24 6.34 -1.00
N GLY A 31 0.83 7.52 -0.82
CA GLY A 31 1.63 7.82 0.37
C GLY A 31 0.79 7.79 1.65
N TYR A 32 1.31 7.17 2.71
CA TYR A 32 0.57 6.90 3.96
C TYR A 32 1.35 7.34 5.21
N PHE A 33 0.72 7.27 6.39
CA PHE A 33 1.37 7.58 7.67
C PHE A 33 2.64 6.74 7.86
N LEU A 34 3.77 7.41 8.07
CA LEU A 34 5.13 6.86 8.19
C LEU A 34 5.68 6.05 6.98
N GLY A 35 4.90 5.88 5.92
CA GLY A 35 5.23 5.00 4.80
C GLY A 35 4.32 5.13 3.58
N ILE A 36 3.82 4.00 3.07
CA ILE A 36 3.05 3.91 1.82
C ILE A 36 1.99 2.81 1.90
N CYS A 37 0.85 3.04 1.26
CA CYS A 37 -0.26 2.13 1.05
C CYS A 37 -0.17 1.53 -0.36
N CYS A 38 -0.26 0.20 -0.48
CA CYS A 38 -0.21 -0.54 -1.74
C CYS A 38 -1.45 -1.43 -1.85
N TYR A 39 -2.15 -1.43 -2.98
CA TYR A 39 -3.45 -2.09 -3.14
C TYR A 39 -3.57 -2.95 -4.41
N PRO A 40 -4.38 -4.04 -4.40
CA PRO A 40 -5.26 -4.51 -3.31
C PRO A 40 -4.51 -5.12 -2.11
N VAL A 41 -5.20 -5.22 -0.97
CA VAL A 41 -4.73 -5.85 0.28
C VAL A 41 -4.38 -7.34 0.08
N ASP A 42 -3.28 -7.79 0.68
CA ASP A 42 -2.79 -9.18 0.62
C ASP A 42 -3.33 -10.08 1.76
N GLY A 1 -0.97 -8.83 9.03
CA GLY A 1 -0.31 -7.59 8.54
C GLY A 1 -1.05 -6.34 9.02
N THR A 2 -0.83 -5.22 8.32
CA THR A 2 -1.40 -3.89 8.66
C THR A 2 -2.11 -3.30 7.44
N THR A 3 -3.38 -2.92 7.59
CA THR A 3 -4.21 -2.36 6.50
C THR A 3 -3.93 -0.88 6.22
N CYS A 4 -4.30 -0.47 5.01
CA CYS A 4 -4.34 0.93 4.58
C CYS A 4 -5.61 1.23 3.74
N TYR A 5 -5.95 2.50 3.54
CA TYR A 5 -7.08 2.93 2.70
C TYR A 5 -6.73 4.15 1.84
N CYS A 6 -7.16 4.14 0.58
CA CYS A 6 -7.10 5.32 -0.32
C CYS A 6 -8.22 5.32 -1.37
N GLY A 7 -8.94 6.43 -1.54
CA GLY A 7 -10.00 6.57 -2.56
C GLY A 7 -11.11 5.52 -2.45
N LYS A 8 -11.47 5.12 -1.22
CA LYS A 8 -12.37 3.99 -0.89
C LYS A 8 -11.88 2.62 -1.40
N THR A 9 -10.59 2.50 -1.68
CA THR A 9 -9.85 1.27 -2.02
C THR A 9 -8.91 0.94 -0.88
N ILE A 10 -9.19 -0.16 -0.19
CA ILE A 10 -8.36 -0.72 0.88
C ILE A 10 -7.10 -1.38 0.29
N GLY A 11 -5.99 -1.33 1.02
CA GLY A 11 -4.72 -1.95 0.67
C GLY A 11 -3.97 -2.50 1.86
N ILE A 12 -2.73 -2.91 1.60
CA ILE A 12 -1.71 -3.28 2.56
C ILE A 12 -0.79 -2.09 2.83
N TYR A 13 -0.34 -1.94 4.07
CA TYR A 13 0.61 -0.91 4.46
C TYR A 13 2.06 -1.42 4.42
N TRP A 14 2.93 -0.63 3.79
CA TRP A 14 4.39 -0.82 3.77
C TRP A 14 5.12 0.37 4.45
N PHE A 15 6.11 0.07 5.30
CA PHE A 15 6.86 1.07 6.09
C PHE A 15 8.16 1.49 5.40
N GLY A 16 8.45 2.81 5.35
CA GLY A 16 9.74 3.41 4.94
C GLY A 16 10.20 3.22 3.48
N THR A 17 9.63 2.28 2.74
CA THR A 17 10.10 1.83 1.40
C THR A 17 9.80 2.81 0.25
N LYS A 18 8.84 3.75 0.44
CA LYS A 18 8.41 4.82 -0.49
C LYS A 18 7.81 4.38 -1.84
N THR A 19 8.08 3.16 -2.30
CA THR A 19 7.48 2.52 -3.49
C THR A 19 6.87 1.15 -3.16
N CYS A 20 6.00 0.63 -4.02
CA CYS A 20 5.38 -0.69 -3.85
C CYS A 20 6.15 -1.80 -4.58
N PRO A 21 6.39 -2.97 -3.94
CA PRO A 21 7.12 -4.09 -4.54
C PRO A 21 6.28 -4.79 -5.61
N SER A 22 6.82 -4.84 -6.83
CA SER A 22 6.19 -5.41 -8.02
C SER A 22 5.80 -6.88 -7.88
N ASN A 23 6.55 -7.64 -7.08
CA ASN A 23 6.40 -9.08 -6.90
C ASN A 23 5.16 -9.49 -6.06
N ARG A 24 4.44 -8.52 -5.48
CA ARG A 24 3.13 -8.72 -4.81
C ARG A 24 1.93 -8.46 -5.74
N GLY A 25 2.15 -7.95 -6.95
CA GLY A 25 1.12 -7.81 -7.99
C GLY A 25 0.14 -6.66 -7.77
N TYR A 26 0.59 -5.57 -7.13
CA TYR A 26 -0.23 -4.41 -6.82
C TYR A 26 -0.68 -3.65 -8.08
N THR A 27 -1.91 -3.10 -8.05
CA THR A 27 -2.53 -2.35 -9.16
C THR A 27 -2.52 -0.84 -8.94
N GLY A 28 -2.23 -0.36 -7.73
CA GLY A 28 -2.08 1.05 -7.39
C GLY A 28 -1.54 1.30 -5.98
N SER A 29 -1.26 2.56 -5.67
CA SER A 29 -0.63 2.98 -4.42
C SER A 29 -0.90 4.43 -4.03
N CYS A 30 -0.64 4.78 -2.76
CA CYS A 30 -0.64 6.16 -2.28
C CYS A 30 0.29 6.35 -1.08
N GLY A 31 0.93 7.52 -0.94
CA GLY A 31 1.74 7.83 0.24
C GLY A 31 0.89 7.86 1.52
N TYR A 32 1.38 7.23 2.60
CA TYR A 32 0.63 6.99 3.84
C TYR A 32 1.43 7.44 5.08
N PHE A 33 0.83 7.34 6.28
CA PHE A 33 1.49 7.69 7.54
C PHE A 33 2.79 6.90 7.72
N LEU A 34 3.92 7.59 7.90
CA LEU A 34 5.28 7.04 8.03
C LEU A 34 5.80 6.15 6.87
N GLY A 35 5.03 5.99 5.80
CA GLY A 35 5.30 5.03 4.73
C GLY A 35 4.38 5.16 3.51
N ILE A 36 3.86 4.02 3.03
CA ILE A 36 3.09 3.91 1.79
C ILE A 36 2.02 2.82 1.88
N CYS A 37 0.88 3.08 1.25
CA CYS A 37 -0.23 2.16 1.05
C CYS A 37 -0.16 1.56 -0.36
N CYS A 38 -0.24 0.24 -0.47
CA CYS A 38 -0.20 -0.51 -1.73
C CYS A 38 -1.44 -1.40 -1.83
N TYR A 39 -2.14 -1.40 -2.96
CA TYR A 39 -3.43 -2.08 -3.12
C TYR A 39 -3.53 -2.93 -4.41
N PRO A 40 -4.35 -4.01 -4.42
CA PRO A 40 -5.23 -4.50 -3.36
C PRO A 40 -4.51 -5.10 -2.14
N VAL A 41 -5.22 -5.19 -1.01
CA VAL A 41 -4.76 -5.81 0.26
C VAL A 41 -4.43 -7.30 0.08
N ASP A 42 -3.33 -7.76 0.69
CA ASP A 42 -2.89 -9.18 0.68
C ASP A 42 -3.68 -10.08 1.65
N GLY A 1 -0.98 -8.09 10.26
CA GLY A 1 -0.93 -7.36 8.96
C GLY A 1 -1.68 -6.03 9.07
N THR A 2 -1.02 -4.92 8.75
CA THR A 2 -1.56 -3.56 8.87
C THR A 2 -2.24 -3.11 7.57
N THR A 3 -3.54 -2.81 7.62
CA THR A 3 -4.33 -2.31 6.50
C THR A 3 -4.07 -0.84 6.17
N CYS A 4 -4.44 -0.46 4.94
CA CYS A 4 -4.47 0.93 4.48
C CYS A 4 -5.74 1.22 3.65
N TYR A 5 -6.05 2.50 3.42
CA TYR A 5 -7.22 2.93 2.64
C TYR A 5 -6.88 4.12 1.74
N CYS A 6 -7.32 4.09 0.47
CA CYS A 6 -7.26 5.25 -0.43
C CYS A 6 -8.38 5.24 -1.49
N GLY A 7 -9.09 6.35 -1.68
CA GLY A 7 -10.13 6.49 -2.71
C GLY A 7 -11.26 5.44 -2.63
N LYS A 8 -11.64 5.04 -1.41
CA LYS A 8 -12.53 3.91 -1.08
C LYS A 8 -12.03 2.52 -1.55
N THR A 9 -10.71 2.40 -1.77
CA THR A 9 -9.98 1.17 -2.10
C THR A 9 -9.04 0.85 -0.94
N ILE A 10 -9.33 -0.23 -0.23
CA ILE A 10 -8.50 -0.78 0.85
C ILE A 10 -7.26 -1.48 0.29
N GLY A 11 -6.15 -1.44 1.03
CA GLY A 11 -4.89 -2.09 0.69
C GLY A 11 -4.12 -2.57 1.92
N ILE A 12 -2.86 -2.90 1.67
CA ILE A 12 -1.83 -3.24 2.65
C ILE A 12 -0.91 -2.03 2.89
N TYR A 13 -0.46 -1.86 4.14
CA TYR A 13 0.50 -0.81 4.49
C TYR A 13 1.94 -1.34 4.49
N TRP A 14 2.84 -0.62 3.83
CA TRP A 14 4.28 -0.87 3.79
C TRP A 14 5.03 0.24 4.54
N PHE A 15 5.73 -0.13 5.61
CA PHE A 15 6.52 0.77 6.46
C PHE A 15 7.95 0.95 5.92
N GLY A 16 8.51 2.17 6.04
CA GLY A 16 9.93 2.43 5.77
C GLY A 16 10.36 2.28 4.30
N THR A 17 9.42 2.36 3.36
CA THR A 17 9.64 2.38 1.91
C THR A 17 8.85 3.52 1.27
N LYS A 18 9.27 3.93 0.07
CA LYS A 18 8.68 4.99 -0.75
C LYS A 18 7.92 4.47 -1.98
N THR A 19 8.06 3.17 -2.30
CA THR A 19 7.41 2.50 -3.43
C THR A 19 6.83 1.13 -3.03
N CYS A 20 5.92 0.61 -3.85
CA CYS A 20 5.35 -0.73 -3.68
C CYS A 20 6.20 -1.80 -4.39
N PRO A 21 6.44 -2.97 -3.76
CA PRO A 21 7.15 -4.08 -4.39
C PRO A 21 6.31 -4.66 -5.55
N SER A 22 6.73 -4.40 -6.79
CA SER A 22 5.94 -4.69 -8.01
C SER A 22 5.67 -6.19 -8.22
N ASN A 23 6.59 -7.06 -7.78
CA ASN A 23 6.45 -8.52 -7.86
C ASN A 23 5.37 -9.10 -6.92
N ARG A 24 4.80 -8.28 -6.02
CA ARG A 24 3.68 -8.66 -5.13
C ARG A 24 2.30 -8.59 -5.81
N GLY A 25 2.22 -8.03 -7.02
CA GLY A 25 1.01 -8.01 -7.86
C GLY A 25 0.04 -6.86 -7.57
N TYR A 26 0.50 -5.75 -7.00
CA TYR A 26 -0.32 -4.56 -6.73
C TYR A 26 -0.77 -3.85 -8.01
N THR A 27 -1.96 -3.24 -7.98
CA THR A 27 -2.58 -2.50 -9.11
C THR A 27 -2.56 -0.98 -8.92
N GLY A 28 -2.28 -0.49 -7.71
CA GLY A 28 -2.17 0.93 -7.39
C GLY A 28 -1.66 1.19 -5.98
N SER A 29 -1.38 2.46 -5.67
CA SER A 29 -0.74 2.89 -4.43
C SER A 29 -1.01 4.36 -4.06
N CYS A 30 -0.78 4.72 -2.80
CA CYS A 30 -0.77 6.10 -2.32
C CYS A 30 0.18 6.30 -1.12
N GLY A 31 0.90 7.41 -1.05
CA GLY A 31 1.82 7.70 0.07
C GLY A 31 1.06 8.00 1.37
N TYR A 32 1.54 7.43 2.49
CA TYR A 32 0.97 7.61 3.83
C TYR A 32 2.01 8.14 4.85
N PHE A 33 1.68 8.13 6.14
CA PHE A 33 2.62 8.48 7.22
C PHE A 33 3.68 7.39 7.41
N LEU A 34 4.96 7.78 7.48
CA LEU A 34 6.15 6.91 7.66
C LEU A 34 6.32 5.75 6.63
N GLY A 35 5.47 5.70 5.63
CA GLY A 35 5.39 4.61 4.65
C GLY A 35 4.38 4.87 3.54
N ILE A 36 3.83 3.79 2.99
CA ILE A 36 3.01 3.79 1.77
C ILE A 36 1.90 2.74 1.83
N CYS A 37 0.77 3.05 1.22
CA CYS A 37 -0.35 2.14 1.01
C CYS A 37 -0.26 1.52 -0.39
N CYS A 38 -0.38 0.19 -0.48
CA CYS A 38 -0.33 -0.58 -1.72
C CYS A 38 -1.56 -1.48 -1.80
N TYR A 39 -2.26 -1.51 -2.94
CA TYR A 39 -3.57 -2.18 -3.08
C TYR A 39 -3.69 -3.03 -4.35
N PRO A 40 -4.50 -4.11 -4.35
CA PRO A 40 -5.37 -4.62 -3.27
C PRO A 40 -4.61 -5.21 -2.07
N VAL A 41 -5.30 -5.36 -0.93
CA VAL A 41 -4.79 -5.94 0.32
C VAL A 41 -4.30 -7.39 0.11
N ASP A 42 -3.21 -7.77 0.79
CA ASP A 42 -2.48 -9.04 0.64
C ASP A 42 -2.39 -9.85 1.96
N GLY A 1 -0.63 -8.62 8.76
CA GLY A 1 0.04 -7.31 8.55
C GLY A 1 -0.80 -6.16 9.09
N THR A 2 -0.77 -5.00 8.42
CA THR A 2 -1.47 -3.77 8.83
C THR A 2 -2.19 -3.16 7.62
N THR A 3 -3.44 -2.75 7.77
CA THR A 3 -4.29 -2.20 6.69
C THR A 3 -4.00 -0.74 6.37
N CYS A 4 -4.37 -0.34 5.16
CA CYS A 4 -4.39 1.04 4.67
C CYS A 4 -5.66 1.35 3.86
N TYR A 5 -5.94 2.63 3.58
CA TYR A 5 -7.09 3.06 2.78
C TYR A 5 -6.73 4.20 1.81
N CYS A 6 -7.15 4.09 0.54
CA CYS A 6 -7.02 5.16 -0.46
C CYS A 6 -8.12 5.10 -1.54
N GLY A 7 -8.76 6.23 -1.88
CA GLY A 7 -9.69 6.33 -3.01
C GLY A 7 -10.85 5.32 -2.96
N LYS A 8 -11.45 5.14 -1.78
CA LYS A 8 -12.46 4.09 -1.46
C LYS A 8 -11.99 2.64 -1.67
N THR A 9 -10.67 2.42 -1.68
CA THR A 9 -9.99 1.13 -1.86
C THR A 9 -9.08 0.87 -0.66
N ILE A 10 -9.40 -0.16 0.12
CA ILE A 10 -8.57 -0.68 1.22
C ILE A 10 -7.36 -1.46 0.65
N GLY A 11 -6.23 -1.38 1.35
CA GLY A 11 -4.98 -2.01 0.96
C GLY A 11 -4.15 -2.52 2.15
N ILE A 12 -2.92 -2.91 1.84
CA ILE A 12 -1.85 -3.27 2.77
C ILE A 12 -0.92 -2.07 2.97
N TYR A 13 -0.43 -1.90 4.20
CA TYR A 13 0.53 -0.86 4.56
C TYR A 13 1.97 -1.38 4.53
N TRP A 14 2.85 -0.66 3.83
CA TRP A 14 4.30 -0.89 3.80
C TRP A 14 5.05 0.25 4.53
N PHE A 15 5.83 -0.10 5.55
CA PHE A 15 6.65 0.83 6.34
C PHE A 15 8.11 0.81 5.87
N GLY A 16 8.78 1.96 5.93
CA GLY A 16 10.22 2.08 5.65
C GLY A 16 10.60 1.95 4.17
N THR A 17 9.64 2.17 3.26
CA THR A 17 9.82 2.20 1.80
C THR A 17 9.06 3.37 1.19
N LYS A 18 9.46 3.79 -0.01
CA LYS A 18 8.93 4.93 -0.77
C LYS A 18 8.07 4.51 -1.97
N THR A 19 8.23 3.27 -2.45
CA THR A 19 7.52 2.70 -3.60
C THR A 19 6.88 1.34 -3.27
N CYS A 20 5.94 0.89 -4.09
CA CYS A 20 5.33 -0.43 -3.95
C CYS A 20 6.21 -1.52 -4.61
N PRO A 21 6.42 -2.68 -3.96
CA PRO A 21 7.21 -3.78 -4.52
C PRO A 21 6.52 -4.39 -5.76
N SER A 22 7.21 -4.31 -6.89
CA SER A 22 6.69 -4.59 -8.23
C SER A 22 6.22 -6.03 -8.47
N ASN A 23 6.83 -7.01 -7.78
CA ASN A 23 6.56 -8.45 -7.97
C ASN A 23 5.36 -8.98 -7.15
N ARG A 24 4.75 -8.13 -6.30
CA ARG A 24 3.65 -8.49 -5.39
C ARG A 24 2.25 -8.44 -6.02
N GLY A 25 2.14 -7.92 -7.25
CA GLY A 25 0.90 -7.93 -8.05
C GLY A 25 -0.11 -6.84 -7.69
N TYR A 26 0.34 -5.75 -7.07
CA TYR A 26 -0.53 -4.62 -6.68
C TYR A 26 -1.05 -3.85 -7.90
N THR A 27 -2.31 -3.40 -7.84
CA THR A 27 -2.97 -2.63 -8.92
C THR A 27 -2.78 -1.11 -8.78
N GLY A 28 -2.32 -0.66 -7.61
CA GLY A 28 -1.94 0.74 -7.36
C GLY A 28 -1.39 0.96 -5.95
N SER A 29 -0.90 2.18 -5.70
CA SER A 29 -0.38 2.62 -4.40
C SER A 29 -0.48 4.14 -4.20
N CYS A 30 -0.38 4.59 -2.94
CA CYS A 30 -0.44 5.99 -2.53
C CYS A 30 0.44 6.22 -1.28
N GLY A 31 1.11 7.37 -1.19
CA GLY A 31 1.92 7.71 -0.01
C GLY A 31 1.06 7.83 1.25
N TYR A 32 1.52 7.25 2.37
CA TYR A 32 0.77 7.11 3.62
C TYR A 32 1.54 7.69 4.82
N PHE A 33 0.94 7.73 6.00
CA PHE A 33 1.62 8.23 7.21
C PHE A 33 2.84 7.34 7.54
N LEU A 34 4.03 7.96 7.60
CA LEU A 34 5.34 7.33 7.83
C LEU A 34 5.80 6.26 6.81
N GLY A 35 5.02 6.00 5.75
CA GLY A 35 5.29 4.97 4.75
C GLY A 35 4.43 5.07 3.48
N ILE A 36 3.96 3.93 2.98
CA ILE A 36 3.17 3.83 1.74
C ILE A 36 2.07 2.76 1.85
N CYS A 37 0.91 3.07 1.28
CA CYS A 37 -0.25 2.18 1.16
C CYS A 37 -0.29 1.57 -0.25
N CYS A 38 -0.41 0.26 -0.34
CA CYS A 38 -0.48 -0.52 -1.58
C CYS A 38 -1.77 -1.36 -1.62
N TYR A 39 -2.39 -1.54 -2.78
CA TYR A 39 -3.69 -2.22 -2.91
C TYR A 39 -3.77 -3.12 -4.15
N PRO A 40 -4.60 -4.18 -4.14
CA PRO A 40 -5.49 -4.63 -3.05
C PRO A 40 -4.74 -5.20 -1.82
N VAL A 41 -5.45 -5.29 -0.69
CA VAL A 41 -4.96 -5.90 0.57
C VAL A 41 -4.58 -7.37 0.35
N ASP A 42 -3.45 -7.81 0.94
CA ASP A 42 -2.92 -9.18 0.79
C ASP A 42 -3.76 -10.27 1.49
N GLY A 1 2.97 -5.40 9.68
CA GLY A 1 2.11 -4.72 8.68
C GLY A 1 0.71 -4.47 9.22
N THR A 2 -0.06 -3.59 8.54
CA THR A 2 -1.47 -3.27 8.87
C THR A 2 -2.24 -2.86 7.60
N THR A 3 -3.55 -2.66 7.69
CA THR A 3 -4.39 -2.21 6.57
C THR A 3 -4.21 -0.72 6.25
N CYS A 4 -4.44 -0.37 4.99
CA CYS A 4 -4.44 1.00 4.48
C CYS A 4 -5.67 1.29 3.61
N TYR A 5 -6.02 2.56 3.40
CA TYR A 5 -7.19 2.95 2.58
C TYR A 5 -6.89 4.15 1.67
N CYS A 6 -7.25 4.06 0.39
CA CYS A 6 -7.18 5.19 -0.55
C CYS A 6 -8.24 5.12 -1.66
N GLY A 7 -8.96 6.22 -1.92
CA GLY A 7 -9.95 6.30 -3.01
C GLY A 7 -11.07 5.24 -2.94
N LYS A 8 -11.54 4.92 -1.72
CA LYS A 8 -12.44 3.79 -1.40
C LYS A 8 -11.89 2.40 -1.79
N THR A 9 -10.58 2.29 -1.92
CA THR A 9 -9.81 1.07 -2.20
C THR A 9 -8.90 0.77 -1.01
N ILE A 10 -9.20 -0.29 -0.29
CA ILE A 10 -8.39 -0.81 0.82
C ILE A 10 -7.13 -1.52 0.30
N GLY A 11 -6.04 -1.44 1.06
CA GLY A 11 -4.75 -2.03 0.74
C GLY A 11 -4.00 -2.51 1.97
N ILE A 12 -2.74 -2.85 1.73
CA ILE A 12 -1.72 -3.22 2.72
C ILE A 12 -0.77 -2.02 2.95
N TYR A 13 -0.34 -1.83 4.19
CA TYR A 13 0.60 -0.78 4.56
C TYR A 13 2.04 -1.30 4.56
N TRP A 14 2.92 -0.60 3.83
CA TRP A 14 4.36 -0.80 3.79
C TRP A 14 5.11 0.35 4.48
N PHE A 15 5.83 0.03 5.56
CA PHE A 15 6.66 0.97 6.31
C PHE A 15 8.14 0.85 5.90
N GLY A 16 8.86 1.99 5.92
CA GLY A 16 10.30 2.04 5.63
C GLY A 16 10.66 1.88 4.15
N THR A 17 9.71 2.14 3.24
CA THR A 17 9.89 2.16 1.79
C THR A 17 9.12 3.35 1.18
N LYS A 18 9.50 3.72 -0.04
CA LYS A 18 8.92 4.82 -0.84
C LYS A 18 7.98 4.35 -1.97
N THR A 19 8.17 3.11 -2.41
CA THR A 19 7.44 2.45 -3.51
C THR A 19 6.88 1.08 -3.11
N CYS A 20 5.95 0.55 -3.91
CA CYS A 20 5.39 -0.79 -3.74
C CYS A 20 6.23 -1.87 -4.45
N PRO A 21 6.44 -3.05 -3.83
CA PRO A 21 7.10 -4.18 -4.48
C PRO A 21 6.20 -4.77 -5.58
N SER A 22 6.48 -4.37 -6.83
CA SER A 22 5.61 -4.61 -8.00
C SER A 22 5.33 -6.08 -8.30
N ASN A 23 6.30 -6.97 -8.01
CA ASN A 23 6.17 -8.42 -8.22
C ASN A 23 5.13 -9.10 -7.28
N ARG A 24 4.63 -8.38 -6.28
CA ARG A 24 3.58 -8.84 -5.35
C ARG A 24 2.15 -8.64 -5.86
N GLY A 25 1.99 -8.00 -7.02
CA GLY A 25 0.73 -7.90 -7.76
C GLY A 25 -0.18 -6.73 -7.37
N TYR A 26 0.38 -5.66 -6.79
CA TYR A 26 -0.37 -4.44 -6.49
C TYR A 26 -0.78 -3.69 -7.78
N THR A 27 -2.02 -3.19 -7.81
CA THR A 27 -2.61 -2.46 -8.96
C THR A 27 -2.58 -0.94 -8.80
N GLY A 28 -2.29 -0.44 -7.59
CA GLY A 28 -2.13 0.98 -7.30
C GLY A 28 -1.60 1.25 -5.89
N SER A 29 -1.29 2.53 -5.61
CA SER A 29 -0.63 2.95 -4.37
C SER A 29 -0.88 4.42 -4.00
N CYS A 30 -0.62 4.77 -2.74
CA CYS A 30 -0.61 6.15 -2.25
C CYS A 30 0.31 6.33 -1.03
N GLY A 31 0.94 7.50 -0.87
CA GLY A 31 1.76 7.80 0.31
C GLY A 31 0.91 7.81 1.59
N TYR A 32 1.37 7.12 2.65
CA TYR A 32 0.56 6.83 3.84
C TYR A 32 1.37 6.93 5.14
N PHE A 33 0.82 7.55 6.18
CA PHE A 33 1.41 7.64 7.54
C PHE A 33 2.91 8.01 7.58
N LEU A 34 3.80 7.01 7.70
CA LEU A 34 5.27 7.14 7.72
C LEU A 34 5.98 6.33 6.61
N GLY A 35 5.20 5.84 5.65
CA GLY A 35 5.60 5.02 4.51
C GLY A 35 4.60 5.13 3.35
N ILE A 36 4.04 3.99 2.93
CA ILE A 36 3.19 3.88 1.73
C ILE A 36 2.11 2.81 1.86
N CYS A 37 0.94 3.08 1.29
CA CYS A 37 -0.19 2.17 1.10
C CYS A 37 -0.12 1.56 -0.31
N CYS A 38 -0.24 0.24 -0.41
CA CYS A 38 -0.23 -0.53 -1.67
C CYS A 38 -1.48 -1.40 -1.72
N TYR A 39 -2.21 -1.40 -2.83
CA TYR A 39 -3.53 -2.05 -2.96
C TYR A 39 -3.66 -2.91 -4.23
N PRO A 40 -4.48 -3.99 -4.22
CA PRO A 40 -5.34 -4.47 -3.12
C PRO A 40 -4.58 -5.09 -1.93
N VAL A 41 -5.25 -5.23 -0.79
CA VAL A 41 -4.75 -5.83 0.46
C VAL A 41 -4.32 -7.30 0.23
N ASP A 42 -3.25 -7.71 0.93
CA ASP A 42 -2.54 -8.99 0.74
C ASP A 42 -2.36 -9.80 2.04
N GLY A 1 -1.00 -8.91 7.95
CA GLY A 1 -0.33 -7.61 7.75
C GLY A 1 -1.22 -6.43 8.15
N THR A 2 -0.67 -5.22 8.17
CA THR A 2 -1.38 -3.97 8.53
C THR A 2 -2.08 -3.37 7.31
N THR A 3 -3.37 -3.02 7.44
CA THR A 3 -4.19 -2.43 6.38
C THR A 3 -3.91 -0.96 6.13
N CYS A 4 -4.29 -0.51 4.93
CA CYS A 4 -4.32 0.90 4.53
C CYS A 4 -5.58 1.24 3.72
N TYR A 5 -5.95 2.52 3.62
CA TYR A 5 -7.13 2.98 2.87
C TYR A 5 -6.83 4.24 2.05
N CYS A 6 -7.23 4.26 0.77
CA CYS A 6 -7.14 5.45 -0.09
C CYS A 6 -8.29 5.51 -1.11
N GLY A 7 -9.03 6.63 -1.16
CA GLY A 7 -10.16 6.81 -2.08
C GLY A 7 -11.25 5.73 -1.96
N LYS A 8 -11.49 5.24 -0.73
CA LYS A 8 -12.32 4.06 -0.38
C LYS A 8 -11.86 2.74 -1.02
N THR A 9 -10.60 2.68 -1.50
CA THR A 9 -9.89 1.48 -1.95
C THR A 9 -8.91 1.09 -0.85
N ILE A 10 -9.20 -0.03 -0.19
CA ILE A 10 -8.36 -0.63 0.86
C ILE A 10 -7.13 -1.32 0.23
N GLY A 11 -6.01 -1.31 0.95
CA GLY A 11 -4.77 -1.97 0.58
C GLY A 11 -4.01 -2.52 1.78
N ILE A 12 -2.77 -2.91 1.50
CA ILE A 12 -1.74 -3.28 2.47
C ILE A 12 -0.80 -2.10 2.73
N TYR A 13 -0.36 -1.95 3.97
CA TYR A 13 0.60 -0.92 4.38
C TYR A 13 2.05 -1.44 4.34
N TRP A 14 2.93 -0.69 3.67
CA TRP A 14 4.38 -0.90 3.65
C TRP A 14 5.12 0.21 4.40
N PHE A 15 5.86 -0.17 5.44
CA PHE A 15 6.67 0.74 6.27
C PHE A 15 8.08 0.93 5.69
N GLY A 16 8.65 2.13 5.87
CA GLY A 16 10.06 2.42 5.55
C GLY A 16 10.39 2.45 4.05
N THR A 17 9.38 2.63 3.19
CA THR A 17 9.50 2.73 1.74
C THR A 17 8.54 3.78 1.18
N LYS A 18 8.76 4.18 -0.08
CA LYS A 18 7.97 5.14 -0.88
C LYS A 18 7.55 4.62 -2.25
N THR A 19 7.93 3.38 -2.54
CA THR A 19 7.52 2.59 -3.70
C THR A 19 6.90 1.25 -3.28
N CYS A 20 6.09 0.66 -4.14
CA CYS A 20 5.47 -0.65 -3.90
C CYS A 20 6.29 -1.79 -4.54
N PRO A 21 6.54 -2.89 -3.81
CA PRO A 21 7.24 -4.08 -4.34
C PRO A 21 6.47 -4.73 -5.48
N SER A 22 7.17 -4.92 -6.61
CA SER A 22 6.60 -5.41 -7.88
C SER A 22 6.08 -6.85 -7.80
N ASN A 23 6.69 -7.67 -6.95
CA ASN A 23 6.46 -9.12 -6.87
C ASN A 23 5.15 -9.50 -6.16
N ARG A 24 4.47 -8.55 -5.50
CA ARG A 24 3.21 -8.77 -4.76
C ARG A 24 1.96 -8.71 -5.66
N GLY A 25 2.10 -8.18 -6.87
CA GLY A 25 1.01 -8.05 -7.85
C GLY A 25 0.08 -6.85 -7.65
N TYR A 26 0.59 -5.74 -7.09
CA TYR A 26 -0.19 -4.51 -6.85
C TYR A 26 -0.59 -3.80 -8.15
N THR A 27 -1.77 -3.17 -8.14
CA THR A 27 -2.35 -2.42 -9.27
C THR A 27 -2.39 -0.90 -9.05
N GLY A 28 -2.14 -0.44 -7.82
CA GLY A 28 -2.04 0.98 -7.47
C GLY A 28 -1.54 1.23 -6.05
N SER A 29 -1.30 2.51 -5.73
CA SER A 29 -0.69 2.93 -4.47
C SER A 29 -1.00 4.38 -4.07
N CYS A 30 -0.73 4.73 -2.80
CA CYS A 30 -0.73 6.10 -2.31
C CYS A 30 0.25 6.29 -1.14
N GLY A 31 0.93 7.43 -1.06
CA GLY A 31 1.79 7.75 0.08
C GLY A 31 0.98 7.87 1.38
N TYR A 32 1.48 7.24 2.46
CA TYR A 32 0.74 7.07 3.72
C TYR A 32 1.46 7.75 4.90
N PHE A 33 0.90 7.67 6.10
CA PHE A 33 1.60 8.09 7.31
C PHE A 33 2.88 7.26 7.48
N LEU A 34 4.02 7.94 7.57
CA LEU A 34 5.39 7.41 7.57
C LEU A 34 5.80 6.64 6.31
N GLY A 35 5.08 5.58 5.93
CA GLY A 35 5.35 4.70 4.78
C GLY A 35 4.46 4.96 3.56
N ILE A 36 3.93 3.89 2.97
CA ILE A 36 3.12 3.86 1.75
C ILE A 36 2.03 2.77 1.82
N CYS A 37 0.89 3.02 1.19
CA CYS A 37 -0.21 2.10 0.98
C CYS A 37 -0.13 1.52 -0.44
N CYS A 38 -0.23 0.19 -0.56
CA CYS A 38 -0.19 -0.54 -1.83
C CYS A 38 -1.42 -1.46 -1.92
N TYR A 39 -2.12 -1.46 -3.05
CA TYR A 39 -3.42 -2.15 -3.22
C TYR A 39 -3.49 -2.99 -4.51
N PRO A 40 -4.29 -4.08 -4.55
CA PRO A 40 -5.21 -4.58 -3.51
C PRO A 40 -4.51 -5.17 -2.26
N VAL A 41 -5.24 -5.25 -1.15
CA VAL A 41 -4.82 -5.84 0.13
C VAL A 41 -4.48 -7.34 -0.03
N ASP A 42 -3.38 -7.80 0.59
CA ASP A 42 -2.94 -9.21 0.58
C ASP A 42 -3.68 -10.10 1.61
N GLY A 1 1.06 -7.78 10.05
CA GLY A 1 0.56 -7.02 8.88
C GLY A 1 -0.44 -5.95 9.31
N THR A 2 -0.56 -4.87 8.51
CA THR A 2 -1.41 -3.70 8.80
C THR A 2 -2.09 -3.19 7.53
N THR A 3 -3.38 -2.88 7.60
CA THR A 3 -4.19 -2.36 6.49
C THR A 3 -3.94 -0.89 6.19
N CYS A 4 -4.30 -0.49 4.97
CA CYS A 4 -4.36 0.91 4.53
C CYS A 4 -5.62 1.21 3.72
N TYR A 5 -6.00 2.48 3.56
CA TYR A 5 -7.18 2.90 2.78
C TYR A 5 -6.89 4.13 1.93
N CYS A 6 -7.26 4.10 0.64
CA CYS A 6 -7.16 5.25 -0.27
C CYS A 6 -8.23 5.24 -1.37
N GLY A 7 -8.93 6.35 -1.59
CA GLY A 7 -9.91 6.49 -2.68
C GLY A 7 -11.02 5.43 -2.66
N LYS A 8 -11.52 5.08 -1.47
CA LYS A 8 -12.45 3.95 -1.19
C LYS A 8 -11.91 2.55 -1.60
N THR A 9 -10.58 2.43 -1.71
CA THR A 9 -9.84 1.20 -2.04
C THR A 9 -8.91 0.87 -0.88
N ILE A 10 -9.19 -0.23 -0.20
CA ILE A 10 -8.35 -0.79 0.88
C ILE A 10 -7.09 -1.47 0.29
N GLY A 11 -5.99 -1.41 1.03
CA GLY A 11 -4.71 -2.04 0.68
C GLY A 11 -3.96 -2.56 1.89
N ILE A 12 -2.70 -2.92 1.64
CA ILE A 12 -1.68 -3.28 2.61
C ILE A 12 -0.76 -2.06 2.86
N TYR A 13 -0.33 -1.89 4.11
CA TYR A 13 0.61 -0.84 4.49
C TYR A 13 2.05 -1.36 4.46
N TRP A 14 2.94 -0.63 3.78
CA TRP A 14 4.39 -0.85 3.73
C TRP A 14 5.14 0.28 4.46
N PHE A 15 5.89 -0.08 5.50
CA PHE A 15 6.74 0.83 6.27
C PHE A 15 8.21 0.72 5.82
N GLY A 16 8.94 1.84 5.86
CA GLY A 16 10.38 1.90 5.56
C GLY A 16 10.72 1.81 4.07
N THR A 17 9.75 2.10 3.20
CA THR A 17 9.90 2.20 1.75
C THR A 17 9.10 3.41 1.21
N LYS A 18 9.37 3.78 -0.04
CA LYS A 18 8.73 4.90 -0.75
C LYS A 18 7.92 4.46 -1.99
N THR A 19 8.13 3.22 -2.44
CA THR A 19 7.41 2.59 -3.58
C THR A 19 6.82 1.23 -3.22
N CYS A 20 5.91 0.71 -4.05
CA CYS A 20 5.31 -0.62 -3.87
C CYS A 20 6.09 -1.70 -4.63
N PRO A 21 6.35 -2.88 -4.01
CA PRO A 21 7.06 -3.99 -4.64
C PRO A 21 6.21 -4.68 -5.71
N SER A 22 6.72 -4.68 -6.94
CA SER A 22 6.06 -5.25 -8.13
C SER A 22 5.70 -6.73 -7.99
N ASN A 23 6.51 -7.48 -7.22
CA ASN A 23 6.38 -8.93 -7.05
C ASN A 23 5.19 -9.36 -6.16
N ARG A 24 4.44 -8.42 -5.59
CA ARG A 24 3.15 -8.66 -4.89
C ARG A 24 1.92 -8.42 -5.80
N GLY A 25 2.12 -7.89 -7.01
CA GLY A 25 1.07 -7.77 -8.03
C GLY A 25 0.07 -6.63 -7.77
N TYR A 26 0.53 -5.54 -7.15
CA TYR A 26 -0.31 -4.38 -6.82
C TYR A 26 -0.79 -3.63 -8.07
N THR A 27 -2.02 -3.11 -8.01
CA THR A 27 -2.67 -2.36 -9.11
C THR A 27 -2.62 -0.83 -8.92
N GLY A 28 -2.32 -0.36 -7.71
CA GLY A 28 -2.15 1.04 -7.38
C GLY A 28 -1.62 1.28 -5.96
N SER A 29 -1.35 2.55 -5.64
CA SER A 29 -0.70 2.96 -4.40
C SER A 29 -0.99 4.42 -4.00
N CYS A 30 -0.71 4.76 -2.74
CA CYS A 30 -0.71 6.14 -2.26
C CYS A 30 0.26 6.32 -1.08
N GLY A 31 0.93 7.48 -1.00
CA GLY A 31 1.77 7.81 0.16
C GLY A 31 0.92 7.93 1.44
N TYR A 32 1.37 7.30 2.52
CA TYR A 32 0.61 7.14 3.76
C TYR A 32 1.27 7.87 4.94
N PHE A 33 0.76 7.70 6.16
CA PHE A 33 1.47 8.18 7.36
C PHE A 33 2.80 7.43 7.49
N LEU A 34 3.90 8.18 7.47
CA LEU A 34 5.30 7.73 7.44
C LEU A 34 5.70 6.88 6.21
N GLY A 35 5.08 5.72 6.03
CA GLY A 35 5.29 4.80 4.91
C GLY A 35 4.35 5.03 3.71
N ILE A 36 3.96 3.94 3.05
CA ILE A 36 3.14 3.91 1.83
C ILE A 36 2.06 2.82 1.90
N CYS A 37 0.92 3.08 1.27
CA CYS A 37 -0.20 2.16 1.07
C CYS A 37 -0.12 1.56 -0.35
N CYS A 38 -0.26 0.24 -0.46
CA CYS A 38 -0.22 -0.52 -1.72
C CYS A 38 -1.46 -1.42 -1.81
N TYR A 39 -2.18 -1.41 -2.94
CA TYR A 39 -3.48 -2.08 -3.07
C TYR A 39 -3.61 -2.95 -4.35
N PRO A 40 -4.42 -4.04 -4.33
CA PRO A 40 -5.27 -4.52 -3.24
C PRO A 40 -4.51 -5.14 -2.06
N VAL A 41 -5.18 -5.28 -0.91
CA VAL A 41 -4.67 -5.90 0.32
C VAL A 41 -4.28 -7.38 0.10
N ASP A 42 -3.16 -7.82 0.69
CA ASP A 42 -2.62 -9.19 0.58
C ASP A 42 -3.35 -10.22 1.47
N GLY A 1 0.66 -8.09 9.66
CA GLY A 1 0.20 -7.20 8.57
C GLY A 1 -0.76 -6.13 9.08
N THR A 2 -0.74 -4.95 8.45
CA THR A 2 -1.53 -3.77 8.84
C THR A 2 -2.21 -3.16 7.61
N THR A 3 -3.49 -2.79 7.73
CA THR A 3 -4.30 -2.24 6.64
C THR A 3 -4.03 -0.76 6.33
N CYS A 4 -4.39 -0.37 5.11
CA CYS A 4 -4.40 1.01 4.64
C CYS A 4 -5.65 1.31 3.77
N TYR A 5 -5.94 2.59 3.51
CA TYR A 5 -7.10 3.00 2.69
C TYR A 5 -6.76 4.16 1.75
N CYS A 6 -7.16 4.07 0.48
CA CYS A 6 -7.07 5.18 -0.50
C CYS A 6 -8.16 5.11 -1.58
N GLY A 7 -8.84 6.22 -1.87
CA GLY A 7 -9.77 6.33 -3.01
C GLY A 7 -10.88 5.26 -3.05
N LYS A 8 -11.53 5.01 -1.91
CA LYS A 8 -12.50 3.91 -1.66
C LYS A 8 -11.93 2.49 -1.89
N THR A 9 -10.61 2.34 -1.84
CA THR A 9 -9.86 1.09 -2.04
C THR A 9 -8.96 0.83 -0.83
N ILE A 10 -9.27 -0.23 -0.09
CA ILE A 10 -8.45 -0.73 1.02
C ILE A 10 -7.21 -1.46 0.48
N GLY A 11 -6.10 -1.36 1.19
CA GLY A 11 -4.82 -1.97 0.86
C GLY A 11 -4.06 -2.50 2.07
N ILE A 12 -2.83 -2.90 1.81
CA ILE A 12 -1.79 -3.26 2.77
C ILE A 12 -0.86 -2.06 3.01
N TYR A 13 -0.39 -1.91 4.23
CA TYR A 13 0.58 -0.87 4.61
C TYR A 13 2.03 -1.39 4.58
N TRP A 14 2.90 -0.62 3.94
CA TRP A 14 4.35 -0.82 3.91
C TRP A 14 5.10 0.37 4.57
N PHE A 15 6.05 0.08 5.45
CA PHE A 15 6.82 1.07 6.22
C PHE A 15 8.19 1.35 5.60
N GLY A 16 8.62 2.62 5.58
CA GLY A 16 9.97 3.08 5.23
C GLY A 16 10.44 2.90 3.77
N THR A 17 9.82 2.01 3.00
CA THR A 17 10.23 1.62 1.63
C THR A 17 9.97 2.69 0.56
N LYS A 18 9.00 3.60 0.79
CA LYS A 18 8.54 4.69 -0.10
C LYS A 18 7.91 4.23 -1.44
N THR A 19 8.21 3.03 -1.93
CA THR A 19 7.69 2.45 -3.19
C THR A 19 6.93 1.15 -2.94
N CYS A 20 6.11 0.73 -3.91
CA CYS A 20 5.36 -0.53 -3.87
C CYS A 20 6.14 -1.67 -4.54
N PRO A 21 6.31 -2.85 -3.91
CA PRO A 21 7.07 -3.97 -4.49
C PRO A 21 6.38 -4.54 -5.74
N SER A 22 7.06 -4.40 -6.88
CA SER A 22 6.55 -4.65 -8.23
C SER A 22 6.03 -6.07 -8.49
N ASN A 23 6.65 -7.07 -7.86
CA ASN A 23 6.34 -8.50 -8.08
C ASN A 23 5.15 -9.01 -7.26
N ARG A 24 4.56 -8.18 -6.37
CA ARG A 24 3.48 -8.58 -5.46
C ARG A 24 2.05 -8.49 -6.05
N GLY A 25 1.93 -7.93 -7.25
CA GLY A 25 0.70 -7.92 -8.04
C GLY A 25 -0.29 -6.80 -7.68
N TYR A 26 0.19 -5.71 -7.09
CA TYR A 26 -0.64 -4.55 -6.72
C TYR A 26 -1.16 -3.79 -7.96
N THR A 27 -2.40 -3.30 -7.89
CA THR A 27 -3.05 -2.50 -8.95
C THR A 27 -2.80 -0.99 -8.79
N GLY A 28 -2.30 -0.55 -7.63
CA GLY A 28 -1.88 0.82 -7.37
C GLY A 28 -1.36 1.03 -5.95
N SER A 29 -0.91 2.26 -5.68
CA SER A 29 -0.41 2.68 -4.37
C SER A 29 -0.58 4.19 -4.13
N CYS A 30 -0.45 4.62 -2.86
CA CYS A 30 -0.49 6.02 -2.43
C CYS A 30 0.40 6.23 -1.20
N GLY A 31 1.04 7.40 -1.08
CA GLY A 31 1.85 7.73 0.09
C GLY A 31 0.99 7.82 1.37
N TYR A 32 1.46 7.22 2.46
CA TYR A 32 0.71 7.05 3.71
C TYR A 32 1.52 7.53 4.92
N PHE A 33 0.92 7.52 6.12
CA PHE A 33 1.61 7.95 7.35
C PHE A 33 2.89 7.12 7.58
N LEU A 34 4.03 7.79 7.71
CA LEU A 34 5.38 7.22 7.88
C LEU A 34 5.86 6.22 6.80
N GLY A 35 5.07 6.02 5.73
CA GLY A 35 5.31 4.99 4.72
C GLY A 35 4.42 5.11 3.48
N ILE A 36 3.90 3.97 3.01
CA ILE A 36 3.14 3.84 1.76
C ILE A 36 2.05 2.77 1.88
N CYS A 37 0.89 3.04 1.28
CA CYS A 37 -0.25 2.16 1.16
C CYS A 37 -0.25 1.53 -0.25
N CYS A 38 -0.34 0.20 -0.33
CA CYS A 38 -0.35 -0.59 -1.56
C CYS A 38 -1.62 -1.45 -1.64
N TYR A 39 -2.30 -1.49 -2.77
CA TYR A 39 -3.62 -2.11 -2.91
C TYR A 39 -3.75 -3.00 -4.17
N PRO A 40 -4.60 -4.05 -4.15
CA PRO A 40 -5.48 -4.49 -3.05
C PRO A 40 -4.74 -5.09 -1.85
N VAL A 41 -5.42 -5.18 -0.70
CA VAL A 41 -4.93 -5.78 0.55
C VAL A 41 -4.55 -7.26 0.35
N ASP A 42 -3.42 -7.68 0.93
CA ASP A 42 -2.80 -9.01 0.75
C ASP A 42 -2.60 -9.78 2.08
N GLY A 1 -1.44 -8.50 9.00
CA GLY A 1 -0.85 -7.40 8.19
C GLY A 1 -1.64 -6.11 8.36
N THR A 2 -0.94 -4.99 8.58
CA THR A 2 -1.55 -3.66 8.81
C THR A 2 -2.24 -3.13 7.56
N THR A 3 -3.51 -2.73 7.66
CA THR A 3 -4.32 -2.19 6.56
C THR A 3 -4.03 -0.73 6.24
N CYS A 4 -4.40 -0.34 5.02
CA CYS A 4 -4.42 1.04 4.55
C CYS A 4 -5.67 1.36 3.71
N TYR A 5 -5.99 2.63 3.50
CA TYR A 5 -7.14 3.07 2.68
C TYR A 5 -6.79 4.25 1.77
N CYS A 6 -7.15 4.17 0.48
CA CYS A 6 -7.04 5.31 -0.46
C CYS A 6 -8.19 5.35 -1.47
N GLY A 7 -8.87 6.49 -1.62
CA GLY A 7 -10.02 6.63 -2.52
C GLY A 7 -11.16 5.62 -2.24
N LYS A 8 -11.35 5.25 -0.96
CA LYS A 8 -12.20 4.14 -0.47
C LYS A 8 -11.84 2.74 -1.04
N THR A 9 -10.63 2.60 -1.56
CA THR A 9 -9.98 1.33 -1.95
C THR A 9 -8.99 0.97 -0.86
N ILE A 10 -9.28 -0.10 -0.13
CA ILE A 10 -8.46 -0.64 0.94
C ILE A 10 -7.23 -1.38 0.37
N GLY A 11 -6.11 -1.33 1.10
CA GLY A 11 -4.86 -2.00 0.76
C GLY A 11 -4.10 -2.51 1.99
N ILE A 12 -2.87 -2.92 1.73
CA ILE A 12 -1.83 -3.27 2.69
C ILE A 12 -0.91 -2.06 2.92
N TYR A 13 -0.47 -1.88 4.16
CA TYR A 13 0.50 -0.84 4.54
C TYR A 13 1.94 -1.38 4.55
N TRP A 14 2.84 -0.63 3.91
CA TRP A 14 4.28 -0.84 3.91
C TRP A 14 5.02 0.34 4.58
N PHE A 15 5.92 0.05 5.51
CA PHE A 15 6.68 1.05 6.29
C PHE A 15 8.10 1.26 5.72
N GLY A 16 8.55 2.52 5.69
CA GLY A 16 9.95 2.92 5.37
C GLY A 16 10.42 2.73 3.91
N THR A 17 9.81 1.81 3.16
CA THR A 17 10.22 1.42 1.79
C THR A 17 9.94 2.49 0.72
N LYS A 18 8.99 3.39 0.97
CA LYS A 18 8.55 4.54 0.13
C LYS A 18 7.94 4.19 -1.24
N THR A 19 8.31 3.06 -1.85
CA THR A 19 7.75 2.52 -3.11
C THR A 19 6.99 1.20 -2.90
N CYS A 20 6.15 0.81 -3.85
CA CYS A 20 5.42 -0.46 -3.81
C CYS A 20 6.21 -1.58 -4.49
N PRO A 21 6.35 -2.78 -3.89
CA PRO A 21 7.07 -3.90 -4.49
C PRO A 21 6.28 -4.51 -5.65
N SER A 22 6.70 -4.18 -6.87
CA SER A 22 6.02 -4.49 -8.14
C SER A 22 5.81 -5.99 -8.39
N ASN A 23 6.69 -6.84 -7.87
CA ASN A 23 6.63 -8.30 -7.99
C ASN A 23 5.49 -8.93 -7.15
N ARG A 24 4.84 -8.18 -6.27
CA ARG A 24 3.74 -8.65 -5.40
C ARG A 24 2.35 -8.59 -6.05
N GLY A 25 2.25 -7.98 -7.24
CA GLY A 25 1.05 -7.97 -8.08
C GLY A 25 0.01 -6.90 -7.73
N TYR A 26 0.44 -5.79 -7.12
CA TYR A 26 -0.44 -4.67 -6.77
C TYR A 26 -0.94 -3.93 -8.03
N THR A 27 -2.20 -3.46 -7.98
CA THR A 27 -2.84 -2.71 -9.08
C THR A 27 -2.65 -1.19 -8.94
N GLY A 28 -2.26 -0.72 -7.75
CA GLY A 28 -1.93 0.68 -7.48
C GLY A 28 -1.42 0.90 -6.05
N SER A 29 -1.01 2.15 -5.79
CA SER A 29 -0.47 2.59 -4.49
C SER A 29 -0.72 4.08 -4.23
N CYS A 30 -0.54 4.51 -2.98
CA CYS A 30 -0.54 5.92 -2.57
C CYS A 30 0.40 6.15 -1.36
N GLY A 31 1.07 7.30 -1.29
CA GLY A 31 1.88 7.65 -0.13
C GLY A 31 1.02 7.80 1.13
N TYR A 32 1.47 7.20 2.24
CA TYR A 32 0.70 7.08 3.49
C TYR A 32 1.47 7.66 4.69
N PHE A 33 0.86 7.70 5.87
CA PHE A 33 1.55 8.16 7.08
C PHE A 33 2.78 7.29 7.39
N LEU A 34 3.95 7.92 7.53
CA LEU A 34 5.26 7.28 7.77
C LEU A 34 5.73 6.23 6.73
N GLY A 35 4.96 6.02 5.66
CA GLY A 35 5.21 4.94 4.68
C GLY A 35 4.35 5.06 3.41
N ILE A 36 3.85 3.92 2.93
CA ILE A 36 3.10 3.79 1.67
C ILE A 36 2.00 2.72 1.79
N CYS A 37 0.86 2.99 1.15
CA CYS A 37 -0.28 2.09 1.00
C CYS A 37 -0.23 1.44 -0.39
N CYS A 38 -0.37 0.12 -0.45
CA CYS A 38 -0.36 -0.69 -1.66
C CYS A 38 -1.62 -1.56 -1.74
N TYR A 39 -2.30 -1.60 -2.90
CA TYR A 39 -3.61 -2.24 -3.03
C TYR A 39 -3.73 -3.14 -4.29
N PRO A 40 -4.57 -4.20 -4.26
CA PRO A 40 -5.45 -4.63 -3.16
C PRO A 40 -4.71 -5.20 -1.93
N VAL A 41 -5.40 -5.29 -0.80
CA VAL A 41 -4.91 -5.87 0.46
C VAL A 41 -4.52 -7.34 0.28
N ASP A 42 -3.38 -7.74 0.88
CA ASP A 42 -2.74 -9.06 0.70
C ASP A 42 -2.52 -9.82 2.02
N GLY A 1 -2.44 -7.18 12.88
CA GLY A 1 -1.84 -6.88 11.56
C GLY A 1 -1.87 -5.38 11.26
N THR A 2 -1.84 -5.01 9.97
CA THR A 2 -1.94 -3.62 9.49
C THR A 2 -2.67 -3.52 8.14
N THR A 3 -3.24 -2.35 7.85
CA THR A 3 -4.12 -2.10 6.69
C THR A 3 -4.03 -0.63 6.26
N CYS A 4 -4.41 -0.31 5.02
CA CYS A 4 -4.43 1.06 4.49
C CYS A 4 -5.68 1.33 3.63
N TYR A 5 -6.01 2.59 3.36
CA TYR A 5 -7.17 2.99 2.54
C TYR A 5 -6.84 4.18 1.63
N CYS A 6 -7.23 4.12 0.36
CA CYS A 6 -7.18 5.27 -0.56
C CYS A 6 -8.31 5.23 -1.61
N GLY A 7 -9.06 6.33 -1.78
CA GLY A 7 -10.15 6.43 -2.76
C GLY A 7 -11.24 5.35 -2.61
N LYS A 8 -11.55 4.97 -1.36
CA LYS A 8 -12.39 3.81 -0.96
C LYS A 8 -11.88 2.44 -1.48
N THR A 9 -10.61 2.37 -1.87
CA THR A 9 -9.86 1.14 -2.19
C THR A 9 -8.91 0.85 -1.03
N ILE A 10 -9.22 -0.20 -0.28
CA ILE A 10 -8.42 -0.72 0.83
C ILE A 10 -7.17 -1.45 0.30
N GLY A 11 -6.07 -1.38 1.05
CA GLY A 11 -4.80 -2.00 0.72
C GLY A 11 -4.03 -2.48 1.94
N ILE A 12 -2.79 -2.89 1.69
CA ILE A 12 -1.78 -3.23 2.68
C ILE A 12 -0.86 -2.02 2.91
N TYR A 13 -0.43 -1.83 4.15
CA TYR A 13 0.54 -0.79 4.52
C TYR A 13 1.97 -1.33 4.52
N TRP A 14 2.87 -0.61 3.86
CA TRP A 14 4.32 -0.84 3.84
C TRP A 14 5.08 0.32 4.49
N PHE A 15 5.99 0.02 5.43
CA PHE A 15 6.74 1.00 6.22
C PHE A 15 8.15 1.24 5.66
N GLY A 16 8.62 2.50 5.65
CA GLY A 16 9.99 2.91 5.34
C GLY A 16 10.47 2.74 3.87
N THR A 17 9.82 1.86 3.10
CA THR A 17 10.21 1.51 1.72
C THR A 17 9.87 2.60 0.68
N LYS A 18 8.84 3.42 0.94
CA LYS A 18 8.36 4.57 0.13
C LYS A 18 7.86 4.26 -1.29
N THR A 19 8.12 3.06 -1.80
CA THR A 19 7.55 2.49 -3.04
C THR A 19 6.93 1.11 -2.82
N CYS A 20 6.06 0.67 -3.72
CA CYS A 20 5.45 -0.67 -3.65
C CYS A 20 6.31 -1.72 -4.38
N PRO A 21 6.47 -2.94 -3.82
CA PRO A 21 7.18 -4.04 -4.47
C PRO A 21 6.38 -4.58 -5.65
N SER A 22 6.82 -4.23 -6.85
CA SER A 22 6.12 -4.43 -8.13
C SER A 22 5.77 -5.88 -8.44
N ASN A 23 6.59 -6.83 -7.98
CA ASN A 23 6.43 -8.27 -8.23
C ASN A 23 5.32 -8.92 -7.38
N ARG A 24 4.74 -8.19 -6.41
CA ARG A 24 3.68 -8.68 -5.50
C ARG A 24 2.26 -8.59 -6.09
N GLY A 25 2.11 -7.94 -7.24
CA GLY A 25 0.86 -7.90 -8.02
C GLY A 25 -0.13 -6.79 -7.62
N TYR A 26 0.36 -5.71 -7.01
CA TYR A 26 -0.46 -4.54 -6.67
C TYR A 26 -0.93 -3.79 -7.93
N THR A 27 -2.19 -3.34 -7.93
CA THR A 27 -2.82 -2.60 -9.05
C THR A 27 -2.73 -1.08 -8.89
N GLY A 28 -2.39 -0.58 -7.70
CA GLY A 28 -2.15 0.83 -7.42
C GLY A 28 -1.59 1.08 -6.02
N SER A 29 -1.27 2.36 -5.75
CA SER A 29 -0.63 2.80 -4.50
C SER A 29 -0.91 4.27 -4.15
N CYS A 30 -0.65 4.64 -2.89
CA CYS A 30 -0.64 6.03 -2.43
C CYS A 30 0.30 6.22 -1.23
N GLY A 31 0.97 7.38 -1.13
CA GLY A 31 1.82 7.70 0.02
C GLY A 31 1.00 7.78 1.32
N TYR A 32 1.53 7.21 2.41
CA TYR A 32 0.82 7.06 3.69
C TYR A 32 1.69 7.54 4.87
N PHE A 33 1.16 7.57 6.08
CA PHE A 33 1.92 8.06 7.26
C PHE A 33 3.19 7.22 7.47
N LEU A 34 4.36 7.87 7.48
CA LEU A 34 5.70 7.27 7.63
C LEU A 34 6.08 6.17 6.60
N GLY A 35 5.24 5.97 5.58
CA GLY A 35 5.37 4.88 4.61
C GLY A 35 4.47 5.03 3.38
N ILE A 36 3.89 3.91 2.93
CA ILE A 36 3.10 3.82 1.69
C ILE A 36 2.01 2.75 1.82
N CYS A 37 0.87 3.01 1.17
CA CYS A 37 -0.26 2.11 0.99
C CYS A 37 -0.18 1.48 -0.41
N CYS A 38 -0.26 0.16 -0.49
CA CYS A 38 -0.24 -0.62 -1.73
C CYS A 38 -1.49 -1.50 -1.78
N TYR A 39 -2.22 -1.51 -2.91
CA TYR A 39 -3.54 -2.14 -3.01
C TYR A 39 -3.70 -3.02 -4.27
N PRO A 40 -4.53 -4.08 -4.24
CA PRO A 40 -5.40 -4.53 -3.12
C PRO A 40 -4.63 -5.13 -1.93
N VAL A 41 -5.32 -5.23 -0.78
CA VAL A 41 -4.82 -5.83 0.48
C VAL A 41 -4.41 -7.30 0.28
N ASP A 42 -3.32 -7.72 0.91
CA ASP A 42 -2.65 -9.03 0.71
C ASP A 42 -2.44 -9.81 2.03
N GLY A 1 0.03 -8.44 8.93
CA GLY A 1 0.19 -7.11 8.31
C GLY A 1 -0.82 -6.10 8.86
N THR A 2 -0.82 -4.89 8.29
CA THR A 2 -1.65 -3.75 8.71
C THR A 2 -2.35 -3.11 7.50
N THR A 3 -3.62 -2.76 7.61
CA THR A 3 -4.43 -2.19 6.53
C THR A 3 -4.14 -0.71 6.25
N CYS A 4 -4.45 -0.31 5.02
CA CYS A 4 -4.44 1.08 4.55
C CYS A 4 -5.67 1.42 3.69
N TYR A 5 -5.96 2.71 3.47
CA TYR A 5 -7.11 3.16 2.65
C TYR A 5 -6.75 4.33 1.73
N CYS A 6 -7.12 4.25 0.45
CA CYS A 6 -6.98 5.36 -0.50
C CYS A 6 -8.21 5.48 -1.42
N GLY A 7 -8.92 6.62 -1.39
CA GLY A 7 -10.17 6.80 -2.16
C GLY A 7 -11.25 5.76 -1.84
N LYS A 8 -11.27 5.27 -0.58
CA LYS A 8 -12.04 4.11 -0.07
C LYS A 8 -11.69 2.75 -0.73
N THR A 9 -10.58 2.68 -1.48
CA THR A 9 -9.95 1.46 -1.97
C THR A 9 -8.93 1.04 -0.92
N ILE A 10 -9.26 0.00 -0.17
CA ILE A 10 -8.45 -0.56 0.91
C ILE A 10 -7.25 -1.34 0.36
N GLY A 11 -6.13 -1.29 1.07
CA GLY A 11 -4.90 -2.00 0.74
C GLY A 11 -4.13 -2.49 1.97
N ILE A 12 -2.90 -2.91 1.71
CA ILE A 12 -1.86 -3.26 2.69
C ILE A 12 -0.93 -2.05 2.91
N TYR A 13 -0.48 -1.88 4.15
CA TYR A 13 0.48 -0.83 4.52
C TYR A 13 1.91 -1.36 4.51
N TRP A 14 2.81 -0.62 3.86
CA TRP A 14 4.25 -0.82 3.83
C TRP A 14 5.00 0.36 4.48
N PHE A 15 5.95 0.05 5.37
CA PHE A 15 6.76 1.03 6.11
C PHE A 15 8.20 1.12 5.57
N GLY A 16 8.80 2.32 5.59
CA GLY A 16 10.21 2.59 5.28
C GLY A 16 10.64 2.46 3.81
N THR A 17 9.94 1.66 3.01
CA THR A 17 10.24 1.37 1.59
C THR A 17 10.00 2.56 0.65
N LYS A 18 9.01 3.41 0.97
CA LYS A 18 8.52 4.57 0.17
C LYS A 18 7.98 4.27 -1.24
N THR A 19 8.28 3.09 -1.80
CA THR A 19 7.73 2.56 -3.06
C THR A 19 7.10 1.17 -2.86
N CYS A 20 6.24 0.75 -3.80
CA CYS A 20 5.57 -0.55 -3.75
C CYS A 20 6.40 -1.66 -4.41
N PRO A 21 6.50 -2.87 -3.81
CA PRO A 21 7.18 -4.01 -4.43
C PRO A 21 6.36 -4.57 -5.60
N SER A 22 6.74 -4.21 -6.83
CA SER A 22 5.97 -4.47 -8.07
C SER A 22 5.72 -5.97 -8.32
N ASN A 23 6.68 -6.82 -7.93
CA ASN A 23 6.60 -8.29 -8.08
C ASN A 23 5.50 -8.94 -7.21
N ARG A 24 4.88 -8.20 -6.27
CA ARG A 24 3.79 -8.69 -5.40
C ARG A 24 2.40 -8.64 -6.06
N GLY A 25 2.29 -8.01 -7.23
CA GLY A 25 1.09 -8.02 -8.07
C GLY A 25 0.04 -6.94 -7.72
N TYR A 26 0.46 -5.84 -7.10
CA TYR A 26 -0.42 -4.71 -6.76
C TYR A 26 -0.92 -3.98 -8.01
N THR A 27 -2.17 -3.52 -7.99
CA THR A 27 -2.80 -2.77 -9.10
C THR A 27 -2.63 -1.24 -8.97
N GLY A 28 -2.23 -0.76 -7.78
CA GLY A 28 -1.87 0.63 -7.53
C GLY A 28 -1.33 0.85 -6.12
N SER A 29 -0.76 2.05 -5.89
CA SER A 29 -0.21 2.47 -4.60
C SER A 29 -0.25 3.99 -4.42
N CYS A 30 -0.22 4.44 -3.16
CA CYS A 30 -0.42 5.82 -2.72
C CYS A 30 0.37 6.11 -1.44
N GLY A 31 0.98 7.29 -1.31
CA GLY A 31 1.71 7.68 -0.09
C GLY A 31 0.79 7.75 1.14
N TYR A 32 1.25 7.19 2.27
CA TYR A 32 0.47 7.05 3.51
C TYR A 32 1.22 7.64 4.71
N PHE A 33 0.61 7.64 5.90
CA PHE A 33 1.26 8.14 7.12
C PHE A 33 2.53 7.33 7.42
N LEU A 34 3.67 8.02 7.56
CA LEU A 34 5.02 7.46 7.80
C LEU A 34 5.54 6.44 6.75
N GLY A 35 4.78 6.16 5.70
CA GLY A 35 5.08 5.09 4.73
C GLY A 35 4.22 5.16 3.45
N ILE A 36 3.77 4.00 2.97
CA ILE A 36 3.05 3.85 1.70
C ILE A 36 1.95 2.76 1.80
N CYS A 37 0.82 3.02 1.16
CA CYS A 37 -0.31 2.12 1.01
C CYS A 37 -0.27 1.48 -0.40
N CYS A 38 -0.43 0.16 -0.47
CA CYS A 38 -0.43 -0.64 -1.70
C CYS A 38 -1.69 -1.51 -1.77
N TYR A 39 -2.37 -1.59 -2.91
CA TYR A 39 -3.68 -2.26 -3.05
C TYR A 39 -3.75 -3.18 -4.29
N PRO A 40 -4.58 -4.26 -4.25
CA PRO A 40 -5.45 -4.69 -3.15
C PRO A 40 -4.69 -5.23 -1.92
N VAL A 41 -5.40 -5.32 -0.77
CA VAL A 41 -4.89 -5.89 0.48
C VAL A 41 -4.48 -7.36 0.30
N ASP A 42 -3.36 -7.76 0.92
CA ASP A 42 -2.69 -9.07 0.73
C ASP A 42 -2.46 -9.83 2.04
N GLY A 1 -0.48 -8.43 8.26
CA GLY A 1 0.04 -7.08 7.93
C GLY A 1 -1.01 -5.99 8.14
N THR A 2 -0.57 -4.78 8.49
CA THR A 2 -1.45 -3.62 8.77
C THR A 2 -2.17 -3.12 7.51
N THR A 3 -3.46 -2.78 7.61
CA THR A 3 -4.27 -2.26 6.51
C THR A 3 -4.00 -0.79 6.18
N CYS A 4 -4.38 -0.40 4.97
CA CYS A 4 -4.41 0.99 4.52
C CYS A 4 -5.67 1.30 3.68
N TYR A 5 -6.01 2.58 3.50
CA TYR A 5 -7.19 3.00 2.70
C TYR A 5 -6.88 4.20 1.81
N CYS A 6 -7.26 4.14 0.52
CA CYS A 6 -7.19 5.29 -0.39
C CYS A 6 -8.30 5.28 -1.45
N GLY A 7 -9.01 6.40 -1.64
CA GLY A 7 -10.10 6.51 -2.63
C GLY A 7 -11.22 5.46 -2.45
N LYS A 8 -11.51 5.09 -1.19
CA LYS A 8 -12.37 3.96 -0.78
C LYS A 8 -11.92 2.58 -1.31
N THR A 9 -10.65 2.46 -1.70
CA THR A 9 -9.94 1.23 -2.04
C THR A 9 -8.99 0.89 -0.90
N ILE A 10 -9.28 -0.18 -0.18
CA ILE A 10 -8.45 -0.72 0.90
C ILE A 10 -7.21 -1.42 0.33
N GLY A 11 -6.09 -1.33 1.04
CA GLY A 11 -4.82 -1.96 0.69
C GLY A 11 -4.07 -2.49 1.90
N ILE A 12 -2.83 -2.89 1.64
CA ILE A 12 -1.81 -3.26 2.60
C ILE A 12 -0.86 -2.07 2.83
N TYR A 13 -0.43 -1.89 4.07
CA TYR A 13 0.54 -0.85 4.44
C TYR A 13 1.97 -1.39 4.42
N TRP A 14 2.85 -0.66 3.76
CA TRP A 14 4.31 -0.88 3.74
C TRP A 14 5.04 0.24 4.49
N PHE A 15 5.82 -0.15 5.51
CA PHE A 15 6.62 0.76 6.35
C PHE A 15 8.05 0.92 5.80
N GLY A 16 8.61 2.13 5.94
CA GLY A 16 10.03 2.38 5.67
C GLY A 16 10.46 2.24 4.19
N THR A 17 9.52 2.36 3.25
CA THR A 17 9.73 2.37 1.81
C THR A 17 8.94 3.50 1.15
N LYS A 18 9.37 3.91 -0.03
CA LYS A 18 8.78 4.98 -0.85
C LYS A 18 7.87 4.46 -1.97
N THR A 19 8.11 3.23 -2.43
CA THR A 19 7.40 2.57 -3.55
C THR A 19 6.85 1.19 -3.16
N CYS A 20 5.90 0.67 -3.94
CA CYS A 20 5.35 -0.67 -3.77
C CYS A 20 6.22 -1.74 -4.49
N PRO A 21 6.50 -2.89 -3.86
CA PRO A 21 7.30 -3.96 -4.45
C PRO A 21 6.57 -4.61 -5.64
N SER A 22 7.23 -4.59 -6.80
CA SER A 22 6.66 -4.93 -8.11
C SER A 22 6.22 -6.39 -8.26
N ASN A 23 6.87 -7.32 -7.54
CA ASN A 23 6.59 -8.76 -7.61
C ASN A 23 5.33 -9.20 -6.84
N ARG A 24 4.72 -8.30 -6.05
CA ARG A 24 3.59 -8.60 -5.15
C ARG A 24 2.20 -8.49 -5.79
N GLY A 25 2.12 -7.98 -7.03
CA GLY A 25 0.89 -7.95 -7.84
C GLY A 25 -0.05 -6.78 -7.54
N TYR A 26 0.47 -5.69 -6.96
CA TYR A 26 -0.33 -4.49 -6.65
C TYR A 26 -0.78 -3.75 -7.92
N THR A 27 -2.01 -3.25 -7.94
CA THR A 27 -2.64 -2.54 -9.08
C THR A 27 -2.61 -1.01 -8.93
N GLY A 28 -2.30 -0.51 -7.72
CA GLY A 28 -2.19 0.92 -7.42
C GLY A 28 -1.65 1.18 -6.01
N SER A 29 -1.37 2.45 -5.73
CA SER A 29 -0.69 2.88 -4.49
C SER A 29 -0.95 4.34 -4.13
N CYS A 30 -0.70 4.70 -2.86
CA CYS A 30 -0.69 6.08 -2.39
C CYS A 30 0.26 6.27 -1.19
N GLY A 31 0.93 7.41 -1.10
CA GLY A 31 1.79 7.73 0.06
C GLY A 31 0.98 7.82 1.35
N TYR A 32 1.50 7.23 2.45
CA TYR A 32 0.81 7.07 3.72
C TYR A 32 1.66 7.62 4.88
N PHE A 33 1.12 7.62 6.11
CA PHE A 33 1.89 8.08 7.28
C PHE A 33 3.10 7.15 7.53
N LEU A 34 4.30 7.72 7.66
CA LEU A 34 5.58 7.01 7.84
C LEU A 34 5.97 5.97 6.76
N GLY A 35 5.18 5.84 5.70
CA GLY A 35 5.35 4.81 4.66
C GLY A 35 4.43 4.99 3.44
N ILE A 36 3.90 3.88 2.94
CA ILE A 36 3.09 3.82 1.72
C ILE A 36 1.99 2.75 1.81
N CYS A 37 0.85 3.03 1.18
CA CYS A 37 -0.26 2.12 0.99
C CYS A 37 -0.22 1.51 -0.41
N CYS A 38 -0.32 0.19 -0.51
CA CYS A 38 -0.29 -0.58 -1.75
C CYS A 38 -1.53 -1.48 -1.82
N TYR A 39 -2.25 -1.49 -2.95
CA TYR A 39 -3.57 -2.14 -3.07
C TYR A 39 -3.71 -3.01 -4.33
N PRO A 40 -4.56 -4.07 -4.31
CA PRO A 40 -5.44 -4.51 -3.21
C PRO A 40 -4.71 -5.09 -1.99
N VAL A 41 -5.40 -5.17 -0.86
CA VAL A 41 -4.94 -5.77 0.40
C VAL A 41 -4.62 -7.28 0.23
N ASP A 42 -3.53 -7.75 0.84
CA ASP A 42 -3.06 -9.15 0.76
C ASP A 42 -2.75 -9.78 2.15
N GLY A 1 2.63 -5.05 6.36
CA GLY A 1 2.26 -4.61 7.73
C GLY A 1 0.75 -4.60 7.92
N THR A 2 0.22 -3.49 8.45
CA THR A 2 -1.22 -3.31 8.75
C THR A 2 -2.08 -3.00 7.50
N THR A 3 -3.38 -2.78 7.65
CA THR A 3 -4.28 -2.32 6.57
C THR A 3 -4.11 -0.83 6.26
N CYS A 4 -4.40 -0.47 5.01
CA CYS A 4 -4.42 0.92 4.53
C CYS A 4 -5.67 1.21 3.67
N TYR A 5 -5.99 2.49 3.45
CA TYR A 5 -7.15 2.90 2.65
C TYR A 5 -6.83 4.11 1.75
N CYS A 6 -7.23 4.05 0.47
CA CYS A 6 -7.17 5.22 -0.45
C CYS A 6 -8.29 5.17 -1.50
N GLY A 7 -9.02 6.28 -1.70
CA GLY A 7 -10.06 6.39 -2.73
C GLY A 7 -11.17 5.32 -2.62
N LYS A 8 -11.56 4.96 -1.40
CA LYS A 8 -12.44 3.80 -1.04
C LYS A 8 -11.92 2.44 -1.51
N THR A 9 -10.62 2.33 -1.79
CA THR A 9 -9.87 1.10 -2.10
C THR A 9 -8.95 0.80 -0.93
N ILE A 10 -9.26 -0.26 -0.20
CA ILE A 10 -8.44 -0.80 0.90
C ILE A 10 -7.19 -1.52 0.34
N GLY A 11 -6.10 -1.48 1.08
CA GLY A 11 -4.82 -2.09 0.72
C GLY A 11 -4.03 -2.57 1.92
N ILE A 12 -2.77 -2.88 1.64
CA ILE A 12 -1.73 -3.25 2.59
C ILE A 12 -0.81 -2.04 2.85
N TYR A 13 -0.36 -1.91 4.10
CA TYR A 13 0.59 -0.87 4.50
C TYR A 13 2.03 -1.40 4.50
N TRP A 14 2.92 -0.63 3.87
CA TRP A 14 4.37 -0.83 3.85
C TRP A 14 5.10 0.34 4.52
N PHE A 15 6.09 0.05 5.37
CA PHE A 15 6.84 1.04 6.17
C PHE A 15 8.20 1.38 5.52
N GLY A 16 8.55 2.67 5.48
CA GLY A 16 9.88 3.20 5.10
C GLY A 16 10.36 2.99 3.64
N THR A 17 9.73 2.10 2.89
CA THR A 17 10.19 1.63 1.55
C THR A 17 9.95 2.63 0.40
N LYS A 18 9.07 3.63 0.60
CA LYS A 18 8.70 4.72 -0.35
C LYS A 18 7.98 4.30 -1.64
N THR A 19 8.23 3.09 -2.15
CA THR A 19 7.58 2.50 -3.34
C THR A 19 6.95 1.13 -3.03
N CYS A 20 6.08 0.62 -3.91
CA CYS A 20 5.43 -0.67 -3.76
C CYS A 20 6.19 -1.82 -4.47
N PRO A 21 6.37 -2.99 -3.82
CA PRO A 21 7.01 -4.17 -4.41
C PRO A 21 6.20 -4.76 -5.57
N SER A 22 6.84 -4.89 -6.73
CA SER A 22 6.25 -5.37 -7.98
C SER A 22 5.73 -6.81 -7.91
N ASN A 23 6.40 -7.65 -7.11
CA ASN A 23 6.15 -9.10 -7.03
C ASN A 23 4.93 -9.47 -6.14
N ARG A 24 4.16 -8.48 -5.67
CA ARG A 24 2.86 -8.65 -4.98
C ARG A 24 1.64 -8.47 -5.89
N GLY A 25 1.85 -7.97 -7.11
CA GLY A 25 0.81 -7.80 -8.13
C GLY A 25 -0.14 -6.63 -7.87
N TYR A 26 0.35 -5.56 -7.24
CA TYR A 26 -0.44 -4.37 -6.91
C TYR A 26 -0.87 -3.59 -8.16
N THR A 27 -2.08 -3.02 -8.12
CA THR A 27 -2.69 -2.23 -9.21
C THR A 27 -2.65 -0.72 -8.96
N GLY A 28 -2.36 -0.30 -7.71
CA GLY A 28 -2.20 1.11 -7.35
C GLY A 28 -1.60 1.32 -5.96
N SER A 29 -1.26 2.58 -5.66
CA SER A 29 -0.58 2.98 -4.42
C SER A 29 -0.84 4.44 -4.03
N CYS A 30 -0.61 4.78 -2.76
CA CYS A 30 -0.62 6.16 -2.27
C CYS A 30 0.30 6.33 -1.04
N GLY A 31 0.95 7.49 -0.90
CA GLY A 31 1.76 7.80 0.28
C GLY A 31 0.92 7.83 1.56
N TYR A 32 1.42 7.22 2.64
CA TYR A 32 0.68 7.01 3.88
C TYR A 32 1.48 7.46 5.11
N PHE A 33 0.89 7.41 6.31
CA PHE A 33 1.57 7.82 7.55
C PHE A 33 2.87 7.02 7.75
N LEU A 34 4.01 7.72 7.85
CA LEU A 34 5.36 7.18 7.98
C LEU A 34 5.84 6.18 6.90
N GLY A 35 5.04 5.98 5.85
CA GLY A 35 5.25 4.95 4.82
C GLY A 35 4.37 5.09 3.59
N ILE A 36 3.85 3.97 3.09
CA ILE A 36 3.09 3.89 1.84
C ILE A 36 2.01 2.79 1.92
N CYS A 37 0.87 3.06 1.28
CA CYS A 37 -0.25 2.16 1.08
C CYS A 37 -0.17 1.58 -0.34
N CYS A 38 -0.27 0.25 -0.46
CA CYS A 38 -0.21 -0.50 -1.71
C CYS A 38 -1.45 -1.40 -1.82
N TYR A 39 -2.15 -1.40 -2.95
CA TYR A 39 -3.46 -2.05 -3.12
C TYR A 39 -3.61 -2.83 -4.43
N PRO A 40 -4.46 -3.88 -4.49
CA PRO A 40 -5.31 -4.42 -3.40
C PRO A 40 -4.55 -5.10 -2.25
N VAL A 41 -5.22 -5.31 -1.11
CA VAL A 41 -4.69 -5.93 0.11
C VAL A 41 -4.17 -7.36 -0.16
N ASP A 42 -3.09 -7.76 0.52
CA ASP A 42 -2.35 -9.02 0.31
C ASP A 42 -2.23 -9.87 1.61
N GLY A 1 -0.66 -8.75 8.61
CA GLY A 1 -0.10 -7.43 8.25
C GLY A 1 -0.94 -6.29 8.80
N THR A 2 -0.72 -5.07 8.28
CA THR A 2 -1.43 -3.84 8.68
C THR A 2 -2.15 -3.21 7.49
N THR A 3 -3.43 -2.87 7.63
CA THR A 3 -4.26 -2.29 6.56
C THR A 3 -3.98 -0.82 6.28
N CYS A 4 -4.34 -0.40 5.08
CA CYS A 4 -4.39 0.99 4.64
C CYS A 4 -5.66 1.31 3.83
N TYR A 5 -5.98 2.58 3.62
CA TYR A 5 -7.13 3.04 2.82
C TYR A 5 -6.77 4.23 1.93
N CYS A 6 -7.19 4.19 0.66
CA CYS A 6 -7.10 5.32 -0.29
C CYS A 6 -8.27 5.36 -1.27
N GLY A 7 -8.96 6.50 -1.41
CA GLY A 7 -10.03 6.67 -2.41
C GLY A 7 -11.18 5.64 -2.30
N LYS A 8 -11.53 5.25 -1.06
CA LYS A 8 -12.47 4.14 -0.72
C LYS A 8 -12.01 2.75 -1.24
N THR A 9 -10.72 2.59 -1.51
CA THR A 9 -10.02 1.35 -1.85
C THR A 9 -9.04 1.01 -0.72
N ILE A 10 -9.34 -0.06 0.00
CA ILE A 10 -8.49 -0.63 1.06
C ILE A 10 -7.27 -1.35 0.46
N GLY A 11 -6.14 -1.32 1.17
CA GLY A 11 -4.91 -2.00 0.78
C GLY A 11 -4.09 -2.50 1.98
N ILE A 12 -2.85 -2.86 1.69
CA ILE A 12 -1.79 -3.21 2.64
C ILE A 12 -0.89 -1.98 2.88
N TYR A 13 -0.42 -1.84 4.11
CA TYR A 13 0.54 -0.80 4.50
C TYR A 13 1.98 -1.33 4.44
N TRP A 14 2.85 -0.64 3.70
CA TRP A 14 4.29 -0.89 3.64
C TRP A 14 5.05 0.23 4.35
N PHE A 15 5.76 -0.12 5.44
CA PHE A 15 6.59 0.80 6.23
C PHE A 15 8.07 0.69 5.86
N GLY A 16 8.79 1.81 5.94
CA GLY A 16 10.24 1.87 5.70
C GLY A 16 10.64 1.80 4.22
N THR A 17 9.70 2.12 3.32
CA THR A 17 9.87 2.21 1.87
C THR A 17 9.11 3.42 1.32
N LYS A 18 9.49 3.86 0.12
CA LYS A 18 8.84 4.93 -0.67
C LYS A 18 8.21 4.41 -1.98
N THR A 19 8.50 3.17 -2.36
CA THR A 19 7.95 2.44 -3.50
C THR A 19 7.33 1.10 -3.07
N CYS A 20 6.49 0.50 -3.90
CA CYS A 20 5.88 -0.81 -3.64
C CYS A 20 6.45 -1.96 -4.47
N PRO A 21 6.61 -3.16 -3.87
CA PRO A 21 7.28 -4.30 -4.50
C PRO A 21 6.51 -4.80 -5.72
N SER A 22 7.20 -4.78 -6.87
CA SER A 22 6.66 -5.06 -8.20
C SER A 22 6.10 -6.48 -8.35
N ASN A 23 6.77 -7.46 -7.76
CA ASN A 23 6.41 -8.88 -7.85
C ASN A 23 5.24 -9.27 -6.94
N ARG A 24 4.68 -8.33 -6.16
CA ARG A 24 3.55 -8.54 -5.22
C ARG A 24 2.17 -8.42 -5.88
N GLY A 25 2.10 -7.93 -7.13
CA GLY A 25 0.87 -7.89 -7.94
C GLY A 25 -0.06 -6.71 -7.65
N TYR A 26 0.45 -5.61 -7.11
CA TYR A 26 -0.35 -4.42 -6.78
C TYR A 26 -0.86 -3.70 -8.05
N THR A 27 -2.12 -3.23 -7.99
CA THR A 27 -2.79 -2.52 -9.09
C THR A 27 -2.72 -0.99 -8.95
N GLY A 28 -2.38 -0.50 -7.76
CA GLY A 28 -2.16 0.92 -7.47
C GLY A 28 -1.57 1.17 -6.08
N SER A 29 -1.09 2.38 -5.85
CA SER A 29 -0.44 2.80 -4.61
C SER A 29 -0.57 4.30 -4.32
N CYS A 30 -0.42 4.68 -3.05
CA CYS A 30 -0.55 6.05 -2.56
C CYS A 30 0.30 6.26 -1.28
N GLY A 31 0.89 7.44 -1.12
CA GLY A 31 1.63 7.77 0.10
C GLY A 31 0.73 7.79 1.34
N TYR A 32 1.15 7.14 2.42
CA TYR A 32 0.41 7.02 3.68
C TYR A 32 1.09 7.84 4.79
N PHE A 33 0.60 7.75 6.03
CA PHE A 33 1.33 8.31 7.18
C PHE A 33 2.64 7.54 7.38
N LEU A 34 3.76 8.27 7.37
CA LEU A 34 5.15 7.78 7.39
C LEU A 34 5.56 6.90 6.20
N GLY A 35 4.91 5.75 6.01
CA GLY A 35 5.15 4.80 4.90
C GLY A 35 4.24 5.02 3.68
N ILE A 36 3.89 3.93 3.00
CA ILE A 36 3.10 3.89 1.76
C ILE A 36 2.01 2.82 1.81
N CYS A 37 0.86 3.09 1.20
CA CYS A 37 -0.30 2.21 1.09
C CYS A 37 -0.40 1.64 -0.34
N CYS A 38 -0.54 0.31 -0.47
CA CYS A 38 -0.57 -0.41 -1.74
C CYS A 38 -1.70 -1.44 -1.79
N TYR A 39 -2.42 -1.48 -2.91
CA TYR A 39 -3.69 -2.22 -3.04
C TYR A 39 -3.76 -3.10 -4.31
N PRO A 40 -4.56 -4.19 -4.30
CA PRO A 40 -5.41 -4.69 -3.21
C PRO A 40 -4.63 -5.24 -2.00
N VAL A 41 -5.31 -5.37 -0.86
CA VAL A 41 -4.76 -5.94 0.39
C VAL A 41 -4.28 -7.40 0.18
N ASP A 42 -3.14 -7.75 0.79
CA ASP A 42 -2.43 -9.03 0.61
C ASP A 42 -2.23 -9.83 1.92
#